data_5ZIH
#
_entry.id   5ZIH
#
_cell.length_a   60.990
_cell.length_b   81.440
_cell.length_c   170.140
_cell.angle_alpha   90.000
_cell.angle_beta   90.000
_cell.angle_gamma   90.000
#
_symmetry.space_group_name_H-M   'P 21 21 21'
#
loop_
_entity.id
_entity.type
_entity.pdbx_description
1 polymer 'Sensory opsin A,Chrimson'
2 non-polymer '(2R)-2,3-dihydroxypropyl (9Z)-octadec-9-enoate'
3 water water
#
_entity_poly.entity_id   1
_entity_poly.type   'polypeptide(L)'
_entity_poly.pdbx_seq_one_letter_code
;MSRRPWLLALALAVALAAGSAGASTGSDATVPVATQDGPDYVFHRAHERMLFQTSYTLENNGSVICIPNNGQCFCLAWLH
SRGTPGEKIGAQVCQWIAFSIAIALLTFYGFSAWKATCGWEEVYVCCVEVLFVTLEIFKEFSSPATVYLSTGNHAYCLRY
FEWLLSCPVILIKLSNLSGLKNDYSKRTMGLIVSCVGMIVFGMAAGLATDWLKWLLYIVSCIYGGYMYFQAAKCYVEANH
SVPKGHCRMVVKLMAYAYFASWGSYPILWAVGPEGLLKLSPYANSIGHSICDIIA(LYR)EFWTFLAHHLRIKIHEHILI
HGDIRKTTKMEIGGEEVEVEEFVEEEDEDTV
;
_entity_poly.pdbx_strand_id   A,B
#
loop_
_chem_comp.id
_chem_comp.type
_chem_comp.name
_chem_comp.formula
OLC non-polymer '(2R)-2,3-dihydroxypropyl (9Z)-octadec-9-enoate' 'C21 H40 O4'
#
# COMPACT_ATOMS: atom_id res chain seq x y z
N SER A 55 -6.42 8.17 -38.22
CA SER A 55 -5.43 8.62 -37.25
C SER A 55 -4.04 8.16 -37.66
N TYR A 56 -3.97 7.32 -38.68
CA TYR A 56 -2.72 6.76 -39.16
C TYR A 56 -2.89 6.41 -40.64
N THR A 57 -1.95 5.63 -41.17
CA THR A 57 -1.99 5.25 -42.58
C THR A 57 -1.21 3.96 -42.79
N LEU A 58 -1.75 3.07 -43.60
CA LEU A 58 -1.10 1.81 -43.92
C LEU A 58 -0.04 2.01 -44.99
N GLU A 59 0.86 1.03 -45.10
CA GLU A 59 1.90 1.05 -46.12
C GLU A 59 2.22 -0.38 -46.53
N ASN A 60 2.90 -0.51 -47.67
CA ASN A 60 3.18 -1.81 -48.28
C ASN A 60 1.90 -2.60 -48.47
N ASN A 61 1.84 -3.81 -47.89
CA ASN A 61 0.65 -4.64 -47.93
C ASN A 61 0.08 -4.81 -46.52
N GLY A 62 0.11 -3.75 -45.73
CA GLY A 62 -0.29 -3.80 -44.34
C GLY A 62 0.81 -4.12 -43.37
N SER A 63 2.05 -4.25 -43.84
CA SER A 63 3.18 -4.57 -42.98
C SER A 63 3.88 -3.35 -42.42
N VAL A 64 3.57 -2.16 -42.92
CA VAL A 64 4.17 -0.92 -42.44
C VAL A 64 3.05 0.07 -42.16
N ILE A 65 3.11 0.74 -41.02
CA ILE A 65 2.14 1.75 -40.63
C ILE A 65 2.89 3.04 -40.35
N CYS A 66 2.35 4.15 -40.85
CA CYS A 66 2.95 5.47 -40.70
C CYS A 66 2.05 6.38 -39.87
N ILE A 67 2.67 7.17 -39.02
CA ILE A 67 1.94 8.07 -38.12
C ILE A 67 2.64 9.41 -38.08
N PRO A 68 1.91 10.48 -37.73
CA PRO A 68 2.54 11.81 -37.67
C PRO A 68 3.55 11.89 -36.54
N ASN A 69 4.64 12.61 -36.80
CA ASN A 69 5.68 12.86 -35.81
C ASN A 69 5.30 14.11 -34.99
N ASN A 70 4.30 13.94 -34.14
CA ASN A 70 3.78 15.01 -33.31
C ASN A 70 4.09 14.83 -31.83
N GLY A 71 4.79 13.76 -31.46
CA GLY A 71 5.16 13.56 -30.08
C GLY A 71 4.17 12.81 -29.23
N GLN A 72 3.14 12.22 -29.83
CA GLN A 72 2.14 11.45 -29.09
C GLN A 72 2.40 9.96 -29.30
N CYS A 73 2.35 9.20 -28.21
CA CYS A 73 2.58 7.76 -28.29
C CYS A 73 1.44 7.09 -29.06
N PHE A 74 1.78 6.01 -29.78
CA PHE A 74 0.82 5.34 -30.64
C PHE A 74 0.78 3.84 -30.34
N CYS A 75 -0.43 3.29 -30.25
CA CYS A 75 -0.62 1.85 -30.13
C CYS A 75 -2.06 1.48 -30.45
N LEU A 76 -2.26 0.63 -31.45
CA LEU A 76 -3.62 0.20 -31.81
C LEU A 76 -4.27 -0.58 -30.68
N ALA A 77 -3.48 -1.32 -29.89
CA ALA A 77 -4.03 -2.10 -28.79
C ALA A 77 -4.71 -1.24 -27.74
N TRP A 78 -4.39 0.04 -27.66
CA TRP A 78 -5.04 0.93 -26.70
C TRP A 78 -6.45 1.32 -27.13
N LEU A 79 -6.82 1.06 -28.38
CA LEU A 79 -8.06 1.58 -28.94
C LEU A 79 -9.23 0.61 -28.83
N HIS A 80 -9.09 -0.47 -28.05
CA HIS A 80 -10.16 -1.46 -27.93
C HIS A 80 -11.38 -0.84 -27.25
N SER A 81 -12.54 -1.45 -27.52
CA SER A 81 -13.81 -0.95 -27.00
C SER A 81 -13.86 -1.06 -25.47
N ARG A 82 -14.69 -0.22 -24.88
CA ARG A 82 -14.83 -0.15 -23.43
C ARG A 82 -16.02 -0.94 -22.91
N GLY A 83 -16.88 -1.44 -23.79
CA GLY A 83 -18.09 -2.13 -23.38
C GLY A 83 -19.27 -1.72 -24.22
N THR A 84 -20.41 -2.36 -24.02
CA THR A 84 -21.59 -2.09 -24.83
C THR A 84 -22.38 -0.92 -24.25
N PRO A 85 -23.21 -0.27 -25.08
CA PRO A 85 -24.05 0.82 -24.57
C PRO A 85 -24.89 0.45 -23.35
N GLY A 86 -25.46 -0.75 -23.32
CA GLY A 86 -26.19 -1.19 -22.14
C GLY A 86 -25.28 -1.36 -20.94
N GLU A 87 -24.07 -1.88 -21.16
CA GLU A 87 -23.13 -2.08 -20.05
C GLU A 87 -22.69 -0.74 -19.47
N LYS A 88 -22.53 0.28 -20.32
CA LYS A 88 -22.17 1.60 -19.82
C LYS A 88 -23.27 2.18 -18.95
N ILE A 89 -24.53 2.04 -19.38
CA ILE A 89 -25.65 2.57 -18.62
C ILE A 89 -25.70 1.94 -17.24
N GLY A 90 -25.50 0.62 -17.16
CA GLY A 90 -25.49 -0.04 -15.87
C GLY A 90 -24.38 0.47 -14.97
N ALA A 91 -23.20 0.73 -15.53
CA ALA A 91 -22.10 1.25 -14.73
C ALA A 91 -22.43 2.62 -14.17
N GLN A 92 -23.00 3.50 -15.01
CA GLN A 92 -23.41 4.81 -14.52
C GLN A 92 -24.42 4.72 -13.39
N VAL A 93 -25.40 3.81 -13.53
CA VAL A 93 -26.41 3.63 -12.48
C VAL A 93 -25.75 3.25 -11.16
N CYS A 94 -24.87 2.24 -11.20
CA CYS A 94 -24.26 1.75 -9.97
C CYS A 94 -23.28 2.77 -9.38
N GLN A 95 -22.58 3.53 -10.24
CA GLN A 95 -21.68 4.57 -9.75
C GLN A 95 -22.44 5.59 -8.90
N TRP A 96 -23.52 6.13 -9.45
CA TRP A 96 -24.29 7.15 -8.73
C TRP A 96 -24.96 6.60 -7.49
N ILE A 97 -25.26 5.31 -7.46
CA ILE A 97 -25.77 4.71 -6.22
C ILE A 97 -24.68 4.64 -5.17
N ALA A 98 -23.49 4.19 -5.57
CA ALA A 98 -22.36 4.12 -4.64
C ALA A 98 -21.95 5.51 -4.16
N PHE A 99 -21.98 6.50 -5.04
CA PHE A 99 -21.74 7.87 -4.61
C PHE A 99 -22.77 8.31 -3.58
N SER A 100 -24.05 8.19 -3.92
CA SER A 100 -25.12 8.75 -3.09
C SER A 100 -25.18 8.07 -1.73
N ILE A 101 -24.86 6.78 -1.66
CA ILE A 101 -24.89 6.08 -0.38
C ILE A 101 -23.74 6.55 0.50
N ALA A 102 -22.57 6.82 -0.10
CA ALA A 102 -21.43 7.28 0.69
C ALA A 102 -21.70 8.66 1.30
N ILE A 103 -22.22 9.59 0.49
CA ILE A 103 -22.58 10.92 1.00
C ILE A 103 -23.54 10.80 2.18
N ALA A 104 -24.55 9.93 2.04
CA ALA A 104 -25.50 9.72 3.13
C ALA A 104 -24.82 9.15 4.36
N LEU A 105 -23.96 8.13 4.17
CA LEU A 105 -23.28 7.51 5.30
C LEU A 105 -22.30 8.47 5.96
N LEU A 106 -21.59 9.27 5.17
CA LEU A 106 -20.77 10.32 5.75
C LEU A 106 -21.60 11.23 6.65
N THR A 107 -22.77 11.66 6.15
CA THR A 107 -23.64 12.52 6.93
C THR A 107 -24.15 11.82 8.18
N PHE A 108 -24.49 10.53 8.06
CA PHE A 108 -24.94 9.78 9.22
C PHE A 108 -23.83 9.65 10.26
N TYR A 109 -22.63 9.26 9.84
CA TYR A 109 -21.53 9.09 10.78
C TYR A 109 -21.20 10.41 11.47
N GLY A 110 -21.02 11.48 10.70
CA GLY A 110 -20.60 12.74 11.25
C GLY A 110 -19.08 12.87 11.25
N PHE A 111 -18.62 13.92 11.90
CA PHE A 111 -17.19 14.18 12.01
C PHE A 111 -16.82 14.60 13.43
N THR A 117 -10.76 10.67 16.95
CA THR A 117 -12.16 10.39 17.27
C THR A 117 -12.47 8.90 17.12
N CYS A 118 -13.37 8.41 17.97
CA CYS A 118 -13.91 7.07 17.78
C CYS A 118 -14.82 7.06 16.57
N GLY A 119 -14.58 6.13 15.65
CA GLY A 119 -15.31 6.10 14.42
C GLY A 119 -14.61 6.74 13.25
N TRP A 120 -13.30 6.98 13.34
CA TRP A 120 -12.58 7.54 12.21
C TRP A 120 -12.52 6.56 11.05
N GLU A 121 -12.54 5.26 11.36
CA GLU A 121 -12.42 4.24 10.31
C GLU A 121 -13.53 4.35 9.28
N GLU A 122 -14.80 4.34 9.74
CA GLU A 122 -15.92 4.42 8.82
C GLU A 122 -15.87 5.68 7.98
N VAL A 123 -15.56 6.82 8.62
CA VAL A 123 -15.46 8.09 7.90
C VAL A 123 -14.39 8.00 6.82
N TYR A 124 -13.19 7.53 7.19
CA TYR A 124 -12.09 7.46 6.23
C TYR A 124 -12.46 6.59 5.03
N VAL A 125 -13.01 5.40 5.30
CA VAL A 125 -13.43 4.50 4.21
C VAL A 125 -14.44 5.17 3.29
N CYS A 126 -15.43 5.85 3.88
CA CYS A 126 -16.45 6.48 3.06
C CYS A 126 -15.93 7.73 2.34
N CYS A 127 -15.05 8.49 3.00
CA CYS A 127 -14.38 9.59 2.31
C CYS A 127 -13.61 9.08 1.10
N VAL A 128 -12.93 7.94 1.24
CA VAL A 128 -12.18 7.37 0.12
C VAL A 128 -13.14 6.92 -0.97
N GLU A 129 -14.29 6.36 -0.60
CA GLU A 129 -15.27 5.93 -1.59
C GLU A 129 -15.82 7.11 -2.37
N VAL A 130 -16.09 8.23 -1.70
CA VAL A 130 -16.57 9.42 -2.39
C VAL A 130 -15.54 9.91 -3.38
N LEU A 131 -14.28 10.04 -2.94
CA LEU A 131 -13.23 10.50 -3.84
C LEU A 131 -13.06 9.56 -5.03
N PHE A 132 -12.99 8.25 -4.77
CA PHE A 132 -12.77 7.30 -5.86
C PHE A 132 -13.92 7.31 -6.85
N VAL A 133 -15.15 7.17 -6.36
CA VAL A 133 -16.28 7.04 -7.27
C VAL A 133 -16.48 8.33 -8.06
N THR A 134 -16.10 9.47 -7.48
CA THR A 134 -16.21 10.74 -8.19
C THR A 134 -15.22 10.81 -9.34
N LEU A 135 -13.97 10.39 -9.09
CA LEU A 135 -12.97 10.40 -10.15
C LEU A 135 -13.31 9.38 -11.23
N GLU A 136 -13.95 8.26 -10.85
CA GLU A 136 -14.34 7.27 -11.85
C GLU A 136 -15.50 7.76 -12.70
N ILE A 137 -16.42 8.52 -12.13
CA ILE A 137 -17.55 9.03 -12.90
C ILE A 137 -17.09 10.02 -13.96
N PHE A 138 -16.06 10.80 -13.67
CA PHE A 138 -15.66 11.87 -14.58
C PHE A 138 -14.44 11.52 -15.44
N LYS A 139 -13.39 10.94 -14.86
CA LYS A 139 -12.14 10.72 -15.59
C LYS A 139 -11.64 9.29 -15.43
N GLU A 140 -12.53 8.32 -15.62
CA GLU A 140 -12.16 6.92 -15.41
C GLU A 140 -11.10 6.45 -16.40
N PHE A 141 -11.34 6.68 -17.69
CA PHE A 141 -10.47 6.15 -18.73
C PHE A 141 -9.37 7.13 -19.13
N SER A 142 -9.10 8.14 -18.30
CA SER A 142 -8.02 9.07 -18.54
C SER A 142 -6.79 8.68 -17.75
N SER A 143 -5.62 8.86 -18.36
CA SER A 143 -4.39 8.63 -17.62
C SER A 143 -4.19 9.77 -16.60
N PRO A 144 -3.79 9.44 -15.36
CA PRO A 144 -3.37 8.12 -14.88
C PRO A 144 -4.43 7.26 -14.19
N ALA A 145 -5.72 7.64 -14.19
CA ALA A 145 -6.74 6.77 -13.63
C ALA A 145 -6.71 5.40 -14.30
N THR A 146 -6.72 5.38 -15.63
CA THR A 146 -6.41 4.20 -16.42
C THR A 146 -5.05 4.43 -17.07
N VAL A 147 -4.15 3.47 -16.90
CA VAL A 147 -2.80 3.54 -17.44
C VAL A 147 -2.74 2.67 -18.69
N TYR A 148 -2.15 3.21 -19.76
CA TYR A 148 -1.98 2.48 -21.02
C TYR A 148 -0.49 2.23 -21.23
N LEU A 149 -0.07 0.98 -21.04
CA LEU A 149 1.35 0.64 -20.98
C LEU A 149 1.93 0.38 -22.36
N SER A 150 3.26 0.45 -22.44
CA SER A 150 3.96 0.20 -23.69
C SER A 150 3.90 -1.26 -24.12
N THR A 151 3.52 -2.16 -23.22
CA THR A 151 3.35 -3.56 -23.60
C THR A 151 2.06 -3.80 -24.38
N GLY A 152 1.20 -2.79 -24.50
CA GLY A 152 -0.05 -2.90 -25.24
C GLY A 152 -1.28 -3.06 -24.38
N ASN A 153 -1.10 -3.48 -23.13
CA ASN A 153 -2.23 -3.71 -22.22
C ASN A 153 -2.62 -2.39 -21.56
N HIS A 154 -3.50 -2.49 -20.57
CA HIS A 154 -3.85 -1.34 -19.75
C HIS A 154 -4.23 -1.81 -18.37
N ALA A 155 -4.14 -0.90 -17.40
CA ALA A 155 -4.50 -1.21 -16.03
C ALA A 155 -5.27 -0.05 -15.44
N TYR A 156 -6.08 -0.35 -14.43
CA TYR A 156 -6.98 0.61 -13.80
C TYR A 156 -6.38 0.99 -12.44
N CYS A 157 -5.35 1.83 -12.49
CA CYS A 157 -4.60 2.17 -11.28
C CYS A 157 -5.47 2.91 -10.26
N LEU A 158 -6.48 3.66 -10.73
CA LEU A 158 -7.37 4.35 -9.81
C LEU A 158 -8.00 3.38 -8.82
N ARG A 159 -8.26 2.14 -9.26
CA ARG A 159 -8.90 1.16 -8.38
C ARG A 159 -7.92 0.59 -7.35
N TYR A 160 -6.68 0.31 -7.77
CA TYR A 160 -5.69 -0.19 -6.83
C TYR A 160 -5.38 0.84 -5.75
N PHE A 161 -5.31 2.12 -6.13
CA PHE A 161 -5.15 3.19 -5.16
C PHE A 161 -6.28 3.18 -4.14
N GLU A 162 -7.53 3.04 -4.62
CA GLU A 162 -8.68 2.95 -3.73
C GLU A 162 -8.51 1.83 -2.71
N TRP A 163 -8.12 0.64 -3.19
CA TRP A 163 -7.95 -0.50 -2.28
C TRP A 163 -6.88 -0.22 -1.23
N LEU A 164 -5.76 0.40 -1.65
CA LEU A 164 -4.67 0.66 -0.70
C LEU A 164 -5.08 1.65 0.38
N LEU A 165 -5.97 2.59 0.06
CA LEU A 165 -6.39 3.55 1.08
C LEU A 165 -7.42 2.96 2.03
N SER A 166 -8.35 2.14 1.52
CA SER A 166 -9.50 1.71 2.30
C SER A 166 -9.36 0.32 2.90
N CYS A 167 -8.75 -0.63 2.18
CA CYS A 167 -8.70 -2.00 2.69
C CYS A 167 -7.96 -2.14 4.02
N PRO A 168 -6.80 -1.49 4.24
CA PRO A 168 -6.20 -1.56 5.59
C PRO A 168 -7.11 -1.04 6.68
N VAL A 169 -7.84 0.06 6.42
CA VAL A 169 -8.67 0.67 7.45
C VAL A 169 -9.81 -0.27 7.83
N ILE A 170 -10.48 -0.86 6.83
CA ILE A 170 -11.52 -1.84 7.09
C ILE A 170 -10.99 -2.96 7.97
N LEU A 171 -9.75 -3.38 7.73
CA LEU A 171 -9.17 -4.46 8.53
C LEU A 171 -8.79 -3.96 9.93
N ILE A 172 -8.41 -2.70 10.06
CA ILE A 172 -8.16 -2.13 11.38
C ILE A 172 -9.45 -2.09 12.18
N LYS A 173 -10.57 -1.80 11.50
CA LYS A 173 -11.86 -1.84 12.17
C LYS A 173 -12.23 -3.27 12.58
N LEU A 174 -11.90 -4.25 11.74
CA LEU A 174 -12.26 -5.63 12.03
C LEU A 174 -11.53 -6.17 13.26
N SER A 175 -10.25 -5.82 13.42
CA SER A 175 -9.48 -6.32 14.55
C SER A 175 -9.98 -5.80 15.89
N ASN A 176 -10.86 -4.80 15.88
CA ASN A 176 -11.41 -4.22 17.11
C ASN A 176 -12.91 -3.99 16.95
N LEU A 177 -13.64 -5.04 16.57
CA LEU A 177 -15.07 -4.90 16.39
C LEU A 177 -15.80 -4.68 17.71
N SER A 178 -15.46 -5.46 18.73
CA SER A 178 -16.19 -5.46 19.99
C SER A 178 -15.80 -4.24 20.82
N GLY A 179 -16.15 -4.26 22.11
CA GLY A 179 -15.78 -3.22 23.03
C GLY A 179 -14.31 -2.89 22.96
N LEU A 180 -14.00 -1.61 22.73
CA LEU A 180 -12.66 -1.14 22.37
C LEU A 180 -11.58 -1.68 23.29
N LYS A 181 -10.79 -2.62 22.78
CA LYS A 181 -9.62 -3.14 23.47
C LYS A 181 -8.39 -2.49 22.86
N ASN A 182 -7.89 -1.44 23.52
CA ASN A 182 -6.83 -0.63 22.94
C ASN A 182 -5.55 -1.43 22.72
N ASP A 183 -5.36 -2.49 23.49
CA ASP A 183 -4.22 -3.38 23.27
C ASP A 183 -4.33 -4.03 21.90
N TYR A 184 -3.58 -3.53 20.92
CA TYR A 184 -3.64 -4.04 19.56
C TYR A 184 -2.71 -5.23 19.40
N SER A 185 -3.25 -6.32 18.88
CA SER A 185 -2.55 -7.60 18.82
C SER A 185 -1.54 -7.62 17.66
N LYS A 186 -0.75 -8.69 17.63
CA LYS A 186 0.05 -9.00 16.46
C LYS A 186 -0.80 -9.48 15.29
N ARG A 187 -2.06 -9.82 15.54
CA ARG A 187 -2.97 -10.18 14.46
C ARG A 187 -3.28 -8.97 13.59
N THR A 188 -3.54 -7.82 14.23
CA THR A 188 -3.83 -6.59 13.48
C THR A 188 -2.72 -6.29 12.48
N MET A 189 -1.46 -6.48 12.88
CA MET A 189 -0.36 -6.24 11.96
C MET A 189 -0.36 -7.26 10.83
N GLY A 190 -0.73 -8.50 11.13
CA GLY A 190 -0.76 -9.54 10.11
C GLY A 190 -1.82 -9.28 9.05
N LEU A 191 -2.98 -8.75 9.45
CA LEU A 191 -3.99 -8.35 8.48
C LEU A 191 -3.45 -7.24 7.57
N ILE A 192 -2.88 -6.19 8.17
CA ILE A 192 -2.44 -5.04 7.40
C ILE A 192 -1.33 -5.43 6.44
N VAL A 193 -0.30 -6.12 6.95
CA VAL A 193 0.85 -6.45 6.11
C VAL A 193 0.43 -7.40 4.97
N SER A 194 -0.42 -8.37 5.26
CA SER A 194 -0.83 -9.31 4.22
C SER A 194 -1.75 -8.65 3.20
N CYS A 195 -2.63 -7.76 3.66
CA CYS A 195 -3.50 -7.03 2.74
C CYS A 195 -2.69 -6.15 1.80
N VAL A 196 -1.70 -5.42 2.34
CA VAL A 196 -0.84 -4.57 1.52
C VAL A 196 -0.10 -5.41 0.48
N GLY A 197 0.57 -6.48 0.93
CA GLY A 197 1.26 -7.35 -0.01
C GLY A 197 0.34 -7.90 -1.10
N MET A 198 -0.88 -8.26 -0.72
CA MET A 198 -1.85 -8.78 -1.68
C MET A 198 -2.13 -7.77 -2.79
N ILE A 199 -2.44 -6.53 -2.42
CA ILE A 199 -2.76 -5.52 -3.41
C ILE A 199 -1.53 -5.16 -4.23
N VAL A 200 -0.35 -5.12 -3.61
CA VAL A 200 0.86 -4.77 -4.34
C VAL A 200 1.13 -5.78 -5.45
N PHE A 201 1.07 -7.07 -5.12
CA PHE A 201 1.29 -8.08 -6.15
C PHE A 201 0.10 -8.18 -7.10
N GLY A 202 -1.09 -7.81 -6.65
CA GLY A 202 -2.21 -7.71 -7.59
C GLY A 202 -1.99 -6.60 -8.60
N MET A 203 -1.58 -5.43 -8.12
CA MET A 203 -1.33 -4.29 -9.02
C MET A 203 -0.20 -4.60 -9.99
N ALA A 204 0.85 -5.26 -9.52
CA ALA A 204 1.94 -5.63 -10.42
C ALA A 204 1.47 -6.62 -11.48
N ALA A 205 0.62 -7.58 -11.09
CA ALA A 205 0.06 -8.50 -12.07
C ALA A 205 -0.83 -7.80 -13.08
N GLY A 206 -1.50 -6.72 -12.67
CA GLY A 206 -2.32 -5.96 -13.60
C GLY A 206 -1.49 -5.23 -14.63
N LEU A 207 -0.32 -4.72 -14.22
CA LEU A 207 0.60 -4.09 -15.16
C LEU A 207 1.37 -5.11 -15.99
N ALA A 208 1.63 -6.30 -15.44
CA ALA A 208 2.47 -7.29 -16.11
C ALA A 208 1.72 -7.94 -17.27
N THR A 209 2.42 -8.86 -17.93
CA THR A 209 1.99 -9.40 -19.21
C THR A 209 2.40 -10.86 -19.32
N ASP A 210 1.54 -11.67 -19.94
CA ASP A 210 1.79 -13.08 -20.28
C ASP A 210 2.05 -13.85 -18.98
N TRP A 211 3.05 -14.74 -18.96
CA TRP A 211 3.24 -15.62 -17.80
C TRP A 211 3.53 -14.83 -16.53
N LEU A 212 4.25 -13.71 -16.64
CA LEU A 212 4.58 -12.92 -15.46
C LEU A 212 3.32 -12.47 -14.74
N LYS A 213 2.27 -12.11 -15.50
CA LYS A 213 1.01 -11.69 -14.90
C LYS A 213 0.47 -12.74 -13.94
N TRP A 214 0.45 -14.00 -14.37
CA TRP A 214 -0.19 -15.02 -13.56
C TRP A 214 0.70 -15.52 -12.43
N LEU A 215 2.02 -15.41 -12.60
CA LEU A 215 2.93 -15.65 -11.49
C LEU A 215 2.69 -14.65 -10.36
N LEU A 216 2.64 -13.36 -10.70
CA LEU A 216 2.36 -12.34 -9.68
C LEU A 216 0.96 -12.51 -9.11
N TYR A 217 -0.01 -12.86 -9.97
CA TYR A 217 -1.37 -13.11 -9.50
C TYR A 217 -1.39 -14.18 -8.42
N ILE A 218 -0.65 -15.28 -8.63
CA ILE A 218 -0.63 -16.36 -7.64
C ILE A 218 0.01 -15.89 -6.34
N VAL A 219 1.10 -15.11 -6.43
CA VAL A 219 1.71 -14.56 -5.24
C VAL A 219 0.70 -13.70 -4.47
N SER A 220 -0.12 -12.95 -5.21
CA SER A 220 -1.16 -12.14 -4.57
C SER A 220 -2.17 -13.02 -3.83
N CYS A 221 -2.52 -14.18 -4.41
CA CYS A 221 -3.46 -15.08 -3.74
C CYS A 221 -2.87 -15.67 -2.47
N ILE A 222 -1.55 -15.86 -2.41
CA ILE A 222 -0.90 -16.34 -1.19
C ILE A 222 -1.04 -15.31 -0.09
N TYR A 223 -0.70 -14.05 -0.39
CA TYR A 223 -0.95 -12.97 0.56
C TYR A 223 -2.41 -12.93 0.98
N GLY A 224 -3.32 -13.02 0.01
CA GLY A 224 -4.74 -12.95 0.33
C GLY A 224 -5.19 -14.07 1.24
N GLY A 225 -4.63 -15.27 1.05
CA GLY A 225 -5.00 -16.39 1.90
C GLY A 225 -4.70 -16.14 3.36
N TYR A 226 -3.48 -15.69 3.67
CA TYR A 226 -3.13 -15.34 5.04
C TYR A 226 -4.05 -14.26 5.59
N MET A 227 -4.41 -13.28 4.75
CA MET A 227 -5.31 -12.22 5.19
C MET A 227 -6.70 -12.78 5.47
N TYR A 228 -7.25 -13.55 4.52
CA TYR A 228 -8.53 -14.20 4.74
C TYR A 228 -8.50 -15.08 6.00
N PHE A 229 -7.40 -15.80 6.20
CA PHE A 229 -7.26 -16.62 7.39
C PHE A 229 -7.34 -15.78 8.65
N GLN A 230 -6.53 -14.73 8.74
CA GLN A 230 -6.54 -13.87 9.93
C GLN A 230 -7.86 -13.15 10.08
N ALA A 231 -8.47 -12.72 8.97
CA ALA A 231 -9.76 -12.03 9.05
C ALA A 231 -10.84 -12.97 9.58
N ALA A 232 -10.84 -14.23 9.14
CA ALA A 232 -11.83 -15.19 9.61
C ALA A 232 -11.68 -15.47 11.10
N LYS A 233 -10.44 -15.49 11.60
CA LYS A 233 -10.22 -15.70 13.03
C LYS A 233 -10.72 -14.51 13.84
N CYS A 234 -10.63 -13.29 13.29
CA CYS A 234 -11.23 -12.14 13.94
C CYS A 234 -12.73 -12.33 14.14
N TYR A 235 -13.42 -12.76 13.08
CA TYR A 235 -14.87 -12.88 13.15
C TYR A 235 -15.31 -13.94 14.17
N VAL A 236 -14.52 -15.01 14.32
CA VAL A 236 -14.83 -15.99 15.36
C VAL A 236 -14.60 -15.38 16.74
N GLU A 237 -13.45 -14.72 16.94
CA GLU A 237 -13.19 -14.08 18.22
C GLU A 237 -14.17 -12.94 18.49
N ALA A 238 -14.56 -12.21 17.44
CA ALA A 238 -15.52 -11.13 17.62
C ALA A 238 -16.88 -11.66 18.05
N ASN A 239 -17.26 -12.84 17.56
CA ASN A 239 -18.56 -13.41 17.91
C ASN A 239 -18.65 -13.71 19.41
N HIS A 240 -17.67 -14.45 19.94
CA HIS A 240 -17.67 -14.78 21.35
C HIS A 240 -17.44 -13.56 22.25
N SER A 241 -17.16 -12.39 21.67
CA SER A 241 -16.82 -11.20 22.44
C SER A 241 -17.92 -10.17 22.47
N VAL A 242 -19.08 -10.44 21.88
CA VAL A 242 -20.18 -9.48 21.83
C VAL A 242 -21.38 -10.11 22.54
N PRO A 243 -22.34 -9.27 22.99
CA PRO A 243 -23.52 -9.80 23.69
C PRO A 243 -24.28 -10.87 22.92
N LYS A 244 -25.07 -11.67 23.65
CA LYS A 244 -25.57 -12.94 23.12
C LYS A 244 -26.60 -12.74 22.01
N GLY A 245 -27.41 -11.69 22.10
CA GLY A 245 -28.57 -11.57 21.22
C GLY A 245 -28.34 -10.94 19.86
N HIS A 246 -28.72 -9.66 19.74
CA HIS A 246 -28.71 -8.99 18.44
C HIS A 246 -27.30 -8.75 17.92
N CYS A 247 -26.31 -8.64 18.82
CA CYS A 247 -24.96 -8.32 18.40
C CYS A 247 -24.29 -9.48 17.69
N ARG A 248 -24.56 -10.71 18.13
CA ARG A 248 -23.97 -11.89 17.48
C ARG A 248 -24.44 -11.99 16.03
N MET A 249 -25.67 -11.58 15.75
CA MET A 249 -26.20 -11.65 14.40
C MET A 249 -25.51 -10.66 13.47
N VAL A 250 -25.30 -9.42 13.96
CA VAL A 250 -24.65 -8.39 13.16
C VAL A 250 -23.24 -8.82 12.78
N VAL A 251 -22.50 -9.40 13.74
CA VAL A 251 -21.16 -9.89 13.48
C VAL A 251 -21.18 -10.96 12.39
N LYS A 252 -22.16 -11.87 12.47
CA LYS A 252 -22.28 -12.91 11.46
C LYS A 252 -22.65 -12.33 10.10
N LEU A 253 -23.57 -11.35 10.09
CA LEU A 253 -23.91 -10.68 8.84
C LEU A 253 -22.73 -9.91 8.27
N MET A 254 -21.94 -9.25 9.13
CA MET A 254 -20.74 -8.58 8.66
C MET A 254 -19.75 -9.57 8.05
N ALA A 255 -19.62 -10.75 8.66
CA ALA A 255 -18.71 -11.77 8.13
C ALA A 255 -19.18 -12.24 6.75
N TYR A 256 -20.49 -12.51 6.61
CA TYR A 256 -21.00 -12.95 5.31
C TYR A 256 -20.82 -11.88 4.26
N ALA A 257 -21.05 -10.62 4.63
CA ALA A 257 -20.85 -9.52 3.67
C ALA A 257 -19.37 -9.35 3.32
N TYR A 258 -18.49 -9.53 4.32
CA TYR A 258 -17.06 -9.32 4.09
C TYR A 258 -16.49 -10.36 3.13
N PHE A 259 -16.87 -11.64 3.29
CA PHE A 259 -16.28 -12.69 2.45
C PHE A 259 -16.90 -12.72 1.06
N ALA A 260 -18.21 -12.47 0.96
CA ALA A 260 -18.86 -12.41 -0.35
C ALA A 260 -18.26 -11.30 -1.20
N SER A 261 -18.11 -10.10 -0.61
CA SER A 261 -17.57 -8.97 -1.36
C SER A 261 -16.07 -9.14 -1.61
N TRP A 262 -15.30 -9.38 -0.55
CA TRP A 262 -13.85 -9.51 -0.71
C TRP A 262 -13.46 -10.77 -1.47
N GLY A 263 -14.32 -11.79 -1.48
CA GLY A 263 -14.04 -12.97 -2.26
C GLY A 263 -14.28 -12.79 -3.74
N SER A 264 -15.03 -11.77 -4.13
CA SER A 264 -15.39 -11.59 -5.52
C SER A 264 -14.32 -10.87 -6.33
N TYR A 265 -13.48 -10.07 -5.68
CA TYR A 265 -12.48 -9.29 -6.43
C TYR A 265 -11.51 -10.17 -7.19
N PRO A 266 -10.89 -11.21 -6.60
CA PRO A 266 -10.05 -12.10 -7.41
C PRO A 266 -10.78 -12.73 -8.58
N ILE A 267 -12.04 -13.11 -8.40
CA ILE A 267 -12.82 -13.67 -9.51
C ILE A 267 -13.00 -12.63 -10.61
N LEU A 268 -13.50 -11.45 -10.24
CA LEU A 268 -13.68 -10.37 -11.20
C LEU A 268 -12.37 -10.01 -11.89
N TRP A 269 -11.27 -10.03 -11.12
CA TRP A 269 -9.97 -9.73 -11.70
C TRP A 269 -9.63 -10.71 -12.82
N ALA A 270 -9.78 -12.01 -12.56
CA ALA A 270 -9.27 -13.03 -13.48
C ALA A 270 -10.04 -13.05 -14.79
N VAL A 271 -11.31 -12.65 -14.80
CA VAL A 271 -12.09 -12.64 -16.03
C VAL A 271 -12.26 -11.24 -16.60
N GLY A 272 -11.76 -10.21 -15.92
CA GLY A 272 -11.91 -8.86 -16.37
C GLY A 272 -10.90 -8.47 -17.42
N PRO A 273 -10.87 -7.18 -17.77
CA PRO A 273 -9.95 -6.71 -18.83
C PRO A 273 -8.48 -6.75 -18.43
N GLU A 274 -8.16 -7.08 -17.18
CA GLU A 274 -6.78 -7.25 -16.77
C GLU A 274 -6.43 -8.72 -16.55
N GLY A 275 -7.30 -9.64 -16.98
CA GLY A 275 -7.05 -11.07 -16.89
C GLY A 275 -7.39 -11.80 -18.17
N LEU A 276 -8.51 -12.52 -18.19
CA LEU A 276 -8.92 -13.31 -19.35
C LEU A 276 -9.75 -12.52 -20.36
N LEU A 277 -9.93 -11.22 -20.14
CA LEU A 277 -10.57 -10.32 -21.10
C LEU A 277 -12.03 -10.69 -21.39
N LYS A 278 -12.67 -11.44 -20.48
CA LYS A 278 -14.07 -11.77 -20.69
C LYS A 278 -14.96 -10.54 -20.47
N LEU A 279 -14.89 -9.97 -19.28
CA LEU A 279 -15.70 -8.80 -18.95
C LEU A 279 -15.06 -7.53 -19.48
N SER A 280 -15.88 -6.68 -20.09
CA SER A 280 -15.44 -5.39 -20.57
C SER A 280 -15.16 -4.48 -19.38
N PRO A 281 -14.48 -3.35 -19.58
CA PRO A 281 -14.34 -2.38 -18.49
C PRO A 281 -15.67 -1.91 -17.91
N TYR A 282 -16.65 -1.60 -18.75
CA TYR A 282 -17.95 -1.17 -18.23
C TYR A 282 -18.61 -2.28 -17.41
N ALA A 283 -18.57 -3.52 -17.90
CA ALA A 283 -19.14 -4.62 -17.14
C ALA A 283 -18.40 -4.83 -15.82
N ASN A 284 -17.08 -4.86 -15.87
CA ASN A 284 -16.29 -5.03 -14.65
C ASN A 284 -16.55 -3.89 -13.67
N SER A 285 -16.91 -2.70 -14.18
CA SER A 285 -17.21 -1.58 -13.31
C SER A 285 -18.50 -1.81 -12.51
N ILE A 286 -19.52 -2.39 -13.16
CA ILE A 286 -20.75 -2.74 -12.44
C ILE A 286 -20.43 -3.70 -11.30
N GLY A 287 -19.63 -4.72 -11.58
CA GLY A 287 -19.33 -5.72 -10.56
C GLY A 287 -18.51 -5.17 -9.41
N HIS A 288 -17.59 -4.24 -9.70
CA HIS A 288 -16.81 -3.63 -8.61
C HIS A 288 -17.64 -2.62 -7.82
N SER A 289 -18.57 -1.91 -8.47
CA SER A 289 -19.43 -0.98 -7.75
C SER A 289 -20.28 -1.71 -6.71
N ILE A 290 -20.79 -2.90 -7.07
CA ILE A 290 -21.66 -3.64 -6.16
C ILE A 290 -20.86 -4.21 -4.99
N CYS A 291 -19.65 -4.71 -5.27
CA CYS A 291 -18.79 -5.17 -4.19
C CYS A 291 -18.41 -4.03 -3.25
N ASP A 292 -18.15 -2.85 -3.81
CA ASP A 292 -17.80 -1.70 -2.97
C ASP A 292 -18.97 -1.29 -2.09
N ILE A 293 -20.19 -1.35 -2.64
CA ILE A 293 -21.37 -1.01 -1.84
C ILE A 293 -21.47 -1.93 -0.63
N ILE A 294 -21.10 -3.20 -0.79
CA ILE A 294 -21.20 -4.16 0.30
C ILE A 294 -19.99 -4.04 1.22
N ALA A 295 -18.79 -3.99 0.66
CA ALA A 295 -17.57 -3.95 1.46
C ALA A 295 -17.33 -2.61 2.16
N LYR A 296 -17.68 -1.51 1.50
CA LYR A 296 -17.36 -0.18 2.02
C LYR A 296 -18.50 0.46 2.75
O LYR A 296 -18.28 1.10 3.79
CB LYR A 296 -16.94 0.77 0.90
CG LYR A 296 -15.44 0.73 0.72
CD LYR A 296 -15.11 0.73 -0.76
CE LYR A 296 -13.61 0.84 -0.93
NZ LYR A 296 -13.06 -0.32 -1.60
C1 LYR A 296 -13.06 -1.63 -0.97
C2 LYR A 296 -12.14 -2.55 -1.74
C3 LYR A 296 -11.89 -3.82 -1.39
C4 LYR A 296 -12.52 -4.40 -0.16
C5 LYR A 296 -10.96 -4.59 -2.23
C6 LYR A 296 -10.59 -5.84 -1.98
C7 LYR A 296 -9.65 -6.45 -2.92
C80 LYR A 296 -9.25 -7.74 -2.84
C8 LYR A 296 -9.78 -8.63 -1.76
C9 LYR A 296 -8.28 -8.23 -3.85
C10 LYR A 296 -7.90 -9.51 -3.97
C11 LYR A 296 -6.90 -10.03 -4.95
C12 LYR A 296 -6.43 -11.26 -4.69
C13 LYR A 296 -6.83 -11.95 -3.42
C14 LYR A 296 -5.52 -12.00 -5.62
C15 LYR A 296 -5.72 -11.50 -7.04
C16 LYR A 296 -5.45 -10.01 -7.06
C17 LYR A 296 -6.44 -9.25 -6.18
C18 LYR A 296 -5.68 -7.99 -5.78
C19 LYR A 296 -7.63 -8.89 -7.07
N GLU A 297 -19.71 0.33 2.22
CA GLU A 297 -20.83 1.10 2.74
C GLU A 297 -21.72 0.29 3.68
N PHE A 298 -22.15 -0.88 3.22
CA PHE A 298 -22.98 -1.74 4.05
C PHE A 298 -22.18 -2.24 5.26
N TRP A 299 -20.92 -2.63 5.05
CA TRP A 299 -20.12 -3.19 6.13
C TRP A 299 -19.77 -2.15 7.18
N THR A 300 -19.37 -0.93 6.77
CA THR A 300 -19.04 0.10 7.75
C THR A 300 -20.27 0.54 8.52
N PHE A 301 -21.44 0.58 7.87
CA PHE A 301 -22.67 0.88 8.58
C PHE A 301 -22.93 -0.12 9.68
N LEU A 302 -22.76 -1.41 9.37
CA LEU A 302 -22.93 -2.45 10.39
C LEU A 302 -21.88 -2.31 11.49
N ALA A 303 -20.67 -1.93 11.13
CA ALA A 303 -19.63 -1.70 12.14
C ALA A 303 -19.98 -0.51 13.03
N HIS A 304 -20.39 0.60 12.42
CA HIS A 304 -20.83 1.74 13.20
C HIS A 304 -22.03 1.36 14.08
N HIS A 305 -22.98 0.62 13.52
CA HIS A 305 -24.14 0.19 14.29
C HIS A 305 -23.74 -0.72 15.44
N LEU A 306 -22.81 -1.65 15.19
CA LEU A 306 -22.40 -2.59 16.23
C LEU A 306 -21.81 -1.87 17.44
N ARG A 307 -21.06 -0.80 17.21
CA ARG A 307 -20.45 -0.07 18.32
C ARG A 307 -21.52 0.50 19.26
N ILE A 308 -22.51 1.20 18.70
CA ILE A 308 -23.49 1.87 19.56
C ILE A 308 -24.40 0.87 20.23
N LYS A 309 -24.67 -0.28 19.59
CA LYS A 309 -25.46 -1.31 20.24
C LYS A 309 -24.70 -1.94 21.41
N ILE A 310 -23.38 -2.05 21.30
CA ILE A 310 -22.58 -2.55 22.41
C ILE A 310 -22.54 -1.51 23.53
N HIS A 311 -22.42 -0.24 23.17
CA HIS A 311 -22.42 0.82 24.18
C HIS A 311 -23.77 0.89 24.91
N GLU A 312 -24.86 0.80 24.15
CA GLU A 312 -26.19 0.85 24.77
C GLU A 312 -26.42 -0.36 25.67
N HIS A 313 -25.94 -1.54 25.27
CA HIS A 313 -26.11 -2.73 26.09
C HIS A 313 -25.35 -2.60 27.41
N ILE A 314 -24.19 -1.95 27.38
CA ILE A 314 -23.36 -1.87 28.57
C ILE A 314 -23.95 -0.89 29.58
N LEU A 315 -24.54 0.20 29.11
CA LEU A 315 -25.11 1.18 30.04
C LEU A 315 -26.38 0.67 30.71
N ILE A 316 -27.01 -0.36 30.18
CA ILE A 316 -28.21 -0.94 30.79
C ILE A 316 -27.95 -2.30 31.40
N HIS A 317 -26.76 -2.85 31.25
CA HIS A 317 -26.43 -4.16 31.84
C HIS A 317 -25.14 -4.11 32.64
N GLY A 318 -24.24 -3.21 32.29
CA GLY A 318 -22.93 -3.14 32.91
C GLY A 318 -21.86 -3.71 32.00
N ASP A 319 -20.66 -3.83 32.57
CA ASP A 319 -19.49 -4.37 31.88
C ASP A 319 -19.02 -5.59 32.64
N ILE A 320 -19.70 -6.71 32.43
CA ILE A 320 -19.34 -7.99 33.06
C ILE A 320 -18.64 -8.85 32.02
N ARG A 321 -17.38 -9.17 32.28
CA ARG A 321 -16.54 -9.90 31.33
C ARG A 321 -15.65 -10.87 32.08
N LYS A 322 -15.57 -12.10 31.57
CA LYS A 322 -14.65 -13.11 32.09
C LYS A 322 -13.63 -13.46 31.02
N THR A 323 -12.41 -13.76 31.46
CA THR A 323 -11.33 -14.14 30.54
C THR A 323 -11.42 -15.64 30.31
N THR A 324 -12.01 -16.02 29.17
CA THR A 324 -12.21 -17.42 28.82
C THR A 324 -11.27 -17.79 27.68
N LYS A 325 -10.58 -18.92 27.83
CA LYS A 325 -9.60 -19.38 26.87
C LYS A 325 -10.20 -20.48 25.99
N MET A 326 -9.93 -20.38 24.68
CA MET A 326 -10.43 -21.36 23.72
C MET A 326 -9.50 -21.37 22.51
N GLU A 327 -9.78 -22.30 21.59
CA GLU A 327 -9.00 -22.46 20.38
C GLU A 327 -9.83 -22.05 19.17
N ILE A 328 -9.19 -21.38 18.22
CA ILE A 328 -9.88 -20.88 17.02
C ILE A 328 -9.20 -21.44 15.78
N GLY A 329 -7.96 -21.01 15.55
CA GLY A 329 -7.19 -21.53 14.43
C GLY A 329 -6.35 -22.73 14.84
N GLY A 330 -5.04 -22.63 14.66
CA GLY A 330 -4.13 -23.64 15.11
C GLY A 330 -3.56 -23.39 16.49
N GLU A 331 -4.10 -22.42 17.23
CA GLU A 331 -3.59 -22.02 18.52
C GLU A 331 -4.74 -21.86 19.51
N GLU A 332 -4.41 -21.42 20.71
CA GLU A 332 -5.39 -21.15 21.76
C GLU A 332 -5.33 -19.68 22.12
N VAL A 333 -6.52 -19.08 22.31
CA VAL A 333 -6.65 -17.65 22.58
C VAL A 333 -7.62 -17.47 23.74
N GLU A 334 -7.34 -16.48 24.60
CA GLU A 334 -8.25 -16.06 25.64
C GLU A 334 -8.99 -14.81 25.17
N VAL A 335 -10.32 -14.86 25.17
CA VAL A 335 -11.14 -13.79 24.63
C VAL A 335 -12.12 -13.29 25.68
N GLU A 336 -12.70 -12.13 25.42
CA GLU A 336 -13.67 -11.53 26.31
C GLU A 336 -15.02 -12.21 26.16
N GLU A 337 -15.69 -12.44 27.29
CA GLU A 337 -16.97 -13.14 27.30
C GLU A 337 -17.91 -12.45 28.26
N PHE A 338 -19.07 -12.05 27.76
CA PHE A 338 -20.07 -11.36 28.58
C PHE A 338 -20.85 -12.34 29.45
N LEU B 51 7.50 -5.39 -25.30
CA LEU B 51 8.42 -4.27 -25.37
C LEU B 51 7.97 -3.27 -26.42
N PHE B 52 8.41 -2.01 -26.29
CA PHE B 52 8.05 -0.99 -27.26
C PHE B 52 8.89 -1.12 -28.53
N GLN B 53 8.67 -0.20 -29.46
CA GLN B 53 9.39 -0.19 -30.73
C GLN B 53 10.67 0.62 -30.58
N THR B 54 11.80 0.01 -30.90
CA THR B 54 13.08 0.70 -30.94
C THR B 54 13.56 0.94 -32.37
N SER B 55 12.94 0.31 -33.37
CA SER B 55 13.28 0.51 -34.77
C SER B 55 12.26 1.42 -35.42
N TYR B 56 12.74 2.43 -36.13
CA TYR B 56 11.86 3.37 -36.84
C TYR B 56 12.68 4.04 -37.93
N THR B 57 11.98 4.82 -38.76
CA THR B 57 12.62 5.58 -39.83
C THR B 57 11.99 6.96 -39.90
N LEU B 58 12.79 7.99 -39.60
CA LEU B 58 12.36 9.37 -39.76
C LEU B 58 12.27 9.68 -41.25
N GLU B 59 11.06 9.65 -41.79
CA GLU B 59 10.83 9.81 -43.21
C GLU B 59 10.15 11.15 -43.48
N ASN B 60 9.83 11.37 -44.75
CA ASN B 60 9.20 12.62 -45.23
C ASN B 60 10.16 13.77 -44.91
N ASN B 61 9.67 14.93 -44.50
CA ASN B 61 10.53 16.01 -44.05
C ASN B 61 10.98 15.83 -42.60
N GLY B 62 10.74 14.66 -42.02
CA GLY B 62 10.94 14.41 -40.61
C GLY B 62 9.68 14.51 -39.79
N SER B 63 8.60 15.05 -40.35
CA SER B 63 7.36 15.25 -39.62
C SER B 63 6.42 14.06 -39.71
N VAL B 64 6.74 13.04 -40.51
CA VAL B 64 5.96 11.81 -40.59
C VAL B 64 6.91 10.63 -40.45
N ILE B 65 6.58 9.72 -39.53
CA ILE B 65 7.44 8.60 -39.19
C ILE B 65 6.68 7.30 -39.44
N CYS B 66 7.40 6.26 -39.85
CA CYS B 66 6.82 4.97 -40.19
C CYS B 66 7.49 3.88 -39.36
N ILE B 67 6.69 2.89 -38.98
CA ILE B 67 7.16 1.76 -38.16
C ILE B 67 6.51 0.48 -38.68
N PRO B 68 7.13 -0.67 -38.39
CA PRO B 68 6.51 -1.94 -38.77
C PRO B 68 5.21 -2.17 -38.01
N ASN B 69 4.19 -2.65 -38.73
CA ASN B 69 2.86 -2.86 -38.16
C ASN B 69 2.82 -4.27 -37.56
N ASN B 70 3.32 -4.38 -36.32
CA ASN B 70 3.42 -5.65 -35.63
C ASN B 70 2.78 -5.59 -34.24
N GLY B 71 1.78 -4.72 -34.07
CA GLY B 71 1.11 -4.60 -32.78
C GLY B 71 2.02 -4.15 -31.66
N GLN B 72 3.07 -3.40 -31.99
CA GLN B 72 4.08 -2.96 -31.04
C GLN B 72 3.91 -1.48 -30.79
N CYS B 73 3.73 -1.10 -29.52
CA CYS B 73 3.59 0.32 -29.20
C CYS B 73 4.90 1.05 -29.48
N PHE B 74 4.77 2.32 -29.85
CA PHE B 74 5.92 3.12 -30.24
C PHE B 74 5.81 4.52 -29.67
N CYS B 75 6.93 5.04 -29.16
CA CYS B 75 6.99 6.40 -28.67
C CYS B 75 8.45 6.81 -28.50
N LEU B 76 8.83 7.92 -29.12
CA LEU B 76 10.20 8.40 -28.99
C LEU B 76 10.50 8.83 -27.55
N ALA B 77 9.48 9.29 -26.83
CA ALA B 77 9.70 9.74 -25.45
C ALA B 77 10.13 8.61 -24.53
N TRP B 78 9.92 7.36 -24.94
CA TRP B 78 10.36 6.22 -24.13
C TRP B 78 11.83 5.87 -24.36
N LEU B 79 12.44 6.37 -25.43
CA LEU B 79 13.80 6.02 -25.79
C LEU B 79 14.83 6.95 -25.17
N HIS B 80 14.45 7.69 -24.13
CA HIS B 80 15.36 8.60 -23.46
C HIS B 80 16.54 7.84 -22.85
N SER B 81 17.62 8.57 -22.60
CA SER B 81 18.80 7.98 -21.98
C SER B 81 18.53 7.63 -20.52
N ARG B 82 19.22 6.59 -20.05
CA ARG B 82 19.11 6.17 -18.66
C ARG B 82 20.19 6.77 -17.77
N GLY B 83 21.21 7.38 -18.36
CA GLY B 83 22.28 7.99 -17.59
C GLY B 83 23.59 7.88 -18.34
N THR B 84 24.64 8.29 -17.66
CA THR B 84 25.99 8.21 -18.21
C THR B 84 26.65 6.90 -17.81
N PRO B 85 27.66 6.47 -18.57
CA PRO B 85 28.44 5.28 -18.15
C PRO B 85 28.97 5.37 -16.73
N GLY B 86 29.42 6.55 -16.30
CA GLY B 86 29.86 6.71 -14.93
C GLY B 86 28.73 6.48 -13.92
N GLU B 87 27.58 7.09 -14.18
CA GLU B 87 26.43 6.90 -13.29
C GLU B 87 25.97 5.45 -13.31
N LYS B 88 26.03 4.81 -14.46
CA LYS B 88 25.68 3.39 -14.56
C LYS B 88 26.54 2.55 -13.63
N ILE B 89 27.85 2.82 -13.59
CA ILE B 89 28.75 2.09 -12.70
C ILE B 89 28.44 2.42 -11.25
N GLY B 90 28.32 3.71 -10.93
CA GLY B 90 28.02 4.10 -9.56
C GLY B 90 26.71 3.52 -9.06
N ALA B 91 25.74 3.32 -9.96
CA ALA B 91 24.51 2.65 -9.56
C ALA B 91 24.75 1.19 -9.24
N GLN B 92 25.56 0.51 -10.06
CA GLN B 92 25.79 -0.93 -9.86
C GLN B 92 26.57 -1.18 -8.59
N VAL B 93 27.50 -0.30 -8.23
CA VAL B 93 28.22 -0.43 -6.98
C VAL B 93 27.26 -0.37 -5.80
N CYS B 94 26.37 0.61 -5.80
CA CYS B 94 25.46 0.77 -4.67
C CYS B 94 24.44 -0.34 -4.59
N GLN B 95 24.07 -0.94 -5.72
CA GLN B 95 23.12 -2.05 -5.71
C GLN B 95 23.71 -3.28 -5.03
N TRP B 96 24.92 -3.68 -5.44
CA TRP B 96 25.51 -4.88 -4.87
C TRP B 96 25.89 -4.69 -3.40
N ILE B 97 26.10 -3.45 -2.97
CA ILE B 97 26.33 -3.20 -1.54
C ILE B 97 25.05 -3.45 -0.76
N ALA B 98 23.91 -2.92 -1.25
CA ALA B 98 22.63 -3.16 -0.60
C ALA B 98 22.26 -4.64 -0.64
N PHE B 99 22.52 -5.30 -1.76
CA PHE B 99 22.27 -6.72 -1.86
C PHE B 99 23.04 -7.50 -0.79
N SER B 100 24.33 -7.22 -0.67
CA SER B 100 25.17 -8.00 0.24
C SER B 100 24.84 -7.72 1.70
N ILE B 101 24.62 -6.45 2.06
CA ILE B 101 24.30 -6.13 3.45
C ILE B 101 22.96 -6.75 3.85
N ALA B 102 21.98 -6.75 2.93
CA ALA B 102 20.69 -7.33 3.23
C ALA B 102 20.80 -8.83 3.53
N ILE B 103 21.62 -9.55 2.77
CA ILE B 103 21.77 -10.98 3.00
C ILE B 103 22.52 -11.23 4.31
N ALA B 104 23.52 -10.42 4.61
CA ALA B 104 24.24 -10.58 5.86
C ALA B 104 23.34 -10.31 7.06
N LEU B 105 22.50 -9.28 6.97
CA LEU B 105 21.56 -9.01 8.06
C LEU B 105 20.55 -10.14 8.21
N LEU B 106 20.02 -10.62 7.09
CA LEU B 106 19.11 -11.76 7.15
C LEU B 106 19.78 -12.96 7.80
N THR B 107 21.04 -13.24 7.42
CA THR B 107 21.78 -14.32 8.06
C THR B 107 22.06 -13.99 9.51
N PHE B 108 22.26 -12.72 9.83
CA PHE B 108 22.57 -12.33 11.21
C PHE B 108 21.35 -12.45 12.11
N TYR B 109 20.23 -11.82 11.72
CA TYR B 109 18.99 -12.00 12.46
C TYR B 109 18.61 -13.47 12.55
N GLY B 110 18.89 -14.23 11.50
CA GLY B 110 18.48 -15.61 11.42
C GLY B 110 16.98 -15.74 11.30
N PHE B 111 16.52 -16.85 10.73
CA PHE B 111 15.10 -17.11 10.59
C PHE B 111 14.65 -17.91 11.80
N SER B 112 14.12 -17.20 12.80
CA SER B 112 13.46 -17.82 13.93
C SER B 112 12.00 -17.42 13.90
N ALA B 116 5.54 -14.65 12.06
CA ALA B 116 4.81 -14.24 13.26
C ALA B 116 5.62 -14.57 14.51
N THR B 117 6.91 -14.28 14.44
CA THR B 117 7.87 -14.51 15.51
C THR B 117 8.39 -13.18 16.03
N CYS B 118 9.07 -13.23 17.17
CA CYS B 118 9.74 -12.06 17.70
C CYS B 118 10.86 -11.65 16.74
N GLY B 119 10.77 -10.44 16.22
CA GLY B 119 11.73 -9.97 15.23
C GLY B 119 11.33 -10.21 13.79
N TRP B 120 10.03 -10.36 13.50
CA TRP B 120 9.62 -10.59 12.12
C TRP B 120 9.82 -9.35 11.25
N GLU B 121 9.78 -8.16 11.85
CA GLU B 121 9.86 -6.92 11.09
C GLU B 121 11.18 -6.79 10.35
N GLU B 122 12.30 -7.01 11.06
CA GLU B 122 13.62 -6.90 10.43
C GLU B 122 13.75 -7.85 9.25
N VAL B 123 13.26 -9.09 9.42
CA VAL B 123 13.37 -10.09 8.36
C VAL B 123 12.56 -9.66 7.16
N TYR B 124 11.30 -9.26 7.39
CA TYR B 124 10.44 -8.84 6.28
C TYR B 124 11.05 -7.67 5.53
N VAL B 125 11.51 -6.65 6.25
CA VAL B 125 12.11 -5.48 5.61
C VAL B 125 13.31 -5.90 4.76
N CYS B 126 14.25 -6.63 5.34
CA CYS B 126 15.43 -7.06 4.59
C CYS B 126 15.05 -8.03 3.48
N CYS B 127 14.00 -8.84 3.66
CA CYS B 127 13.53 -9.69 2.57
C CYS B 127 13.02 -8.85 1.41
N VAL B 128 12.26 -7.79 1.70
CA VAL B 128 11.82 -6.87 0.65
C VAL B 128 13.03 -6.26 -0.04
N GLU B 129 14.07 -5.95 0.73
CA GLU B 129 15.30 -5.42 0.14
C GLU B 129 15.92 -6.42 -0.82
N VAL B 130 16.09 -7.67 -0.36
CA VAL B 130 16.70 -8.69 -1.20
C VAL B 130 15.91 -8.87 -2.48
N LEU B 131 14.57 -8.87 -2.40
CA LEU B 131 13.75 -9.04 -3.59
C LEU B 131 13.83 -7.81 -4.49
N PHE B 132 13.80 -6.61 -3.91
CA PHE B 132 13.81 -5.41 -4.74
C PHE B 132 15.14 -5.25 -5.47
N VAL B 133 16.25 -5.37 -4.75
CA VAL B 133 17.54 -5.11 -5.36
C VAL B 133 17.83 -6.13 -6.46
N THR B 134 17.49 -7.40 -6.22
CA THR B 134 17.67 -8.42 -7.25
C THR B 134 16.89 -8.08 -8.52
N LEU B 135 15.61 -7.74 -8.36
CA LEU B 135 14.80 -7.36 -9.51
C LEU B 135 15.31 -6.09 -10.16
N GLU B 136 15.85 -5.16 -9.38
CA GLU B 136 16.38 -3.94 -9.96
C GLU B 136 17.69 -4.20 -10.71
N ILE B 137 18.55 -5.06 -10.17
CA ILE B 137 19.81 -5.37 -10.85
C ILE B 137 19.53 -5.97 -12.22
N PHE B 138 18.59 -6.91 -12.30
CA PHE B 138 18.41 -7.64 -13.55
C PHE B 138 17.31 -7.08 -14.45
N LYS B 139 16.27 -6.44 -13.90
CA LYS B 139 15.12 -6.07 -14.72
C LYS B 139 14.60 -4.69 -14.36
N GLU B 140 15.50 -3.75 -14.06
CA GLU B 140 15.07 -2.42 -13.61
C GLU B 140 14.22 -1.71 -14.65
N PHE B 141 14.62 -1.77 -15.91
CA PHE B 141 14.01 -0.96 -16.95
C PHE B 141 13.03 -1.74 -17.82
N SER B 142 12.74 -2.98 -17.47
CA SER B 142 11.69 -3.73 -18.13
C SER B 142 10.35 -3.47 -17.46
N SER B 143 9.28 -3.57 -18.23
CA SER B 143 7.95 -3.44 -17.67
C SER B 143 7.55 -4.76 -17.00
N PRO B 144 6.82 -4.72 -15.89
CA PRO B 144 6.27 -3.53 -15.21
C PRO B 144 7.15 -2.93 -14.11
N ALA B 145 8.40 -3.37 -13.98
CA ALA B 145 9.31 -2.74 -13.01
C ALA B 145 9.44 -1.24 -13.31
N THR B 146 9.70 -0.91 -14.57
CA THR B 146 9.60 0.45 -15.08
C THR B 146 8.47 0.48 -16.10
N VAL B 147 7.47 1.33 -15.87
CA VAL B 147 6.30 1.40 -16.73
C VAL B 147 6.44 2.62 -17.64
N TYR B 148 6.13 2.43 -18.92
CA TYR B 148 6.16 3.50 -19.91
C TYR B 148 4.73 3.80 -20.35
N LEU B 149 4.28 5.02 -20.10
CA LEU B 149 2.90 5.41 -20.28
C LEU B 149 2.64 5.93 -21.69
N SER B 150 1.36 5.89 -22.08
CA SER B 150 0.92 6.49 -23.34
C SER B 150 1.04 8.01 -23.32
N THR B 151 1.21 8.60 -22.14
CA THR B 151 1.40 10.05 -22.03
C THR B 151 2.84 10.49 -22.23
N GLY B 152 3.75 9.56 -22.58
CA GLY B 152 5.12 9.90 -22.85
C GLY B 152 6.07 9.78 -21.67
N ASN B 153 5.56 9.88 -20.44
CA ASN B 153 6.39 9.75 -19.26
C ASN B 153 6.59 8.29 -18.90
N HIS B 154 7.50 8.06 -17.95
CA HIS B 154 7.74 6.73 -17.41
C HIS B 154 7.80 6.82 -15.89
N ALA B 155 7.53 5.69 -15.23
CA ALA B 155 7.50 5.65 -13.78
C ALA B 155 8.12 4.34 -13.28
N TYR B 156 8.82 4.43 -12.15
CA TYR B 156 9.53 3.30 -11.58
C TYR B 156 8.62 2.64 -10.55
N CYS B 157 7.70 1.81 -11.05
CA CYS B 157 6.71 1.19 -10.19
C CYS B 157 7.35 0.19 -9.22
N LEU B 158 8.44 -0.46 -9.62
CA LEU B 158 9.10 -1.43 -8.74
C LEU B 158 9.50 -0.80 -7.42
N ARG B 159 9.78 0.51 -7.42
CA ARG B 159 10.18 1.19 -6.20
C ARG B 159 8.99 1.44 -5.28
N TYR B 160 7.87 1.88 -5.84
CA TYR B 160 6.67 2.09 -5.02
C TYR B 160 6.18 0.79 -4.40
N PHE B 161 6.26 -0.31 -5.15
CA PHE B 161 5.99 -1.62 -4.57
C PHE B 161 6.93 -1.90 -3.40
N GLU B 162 8.22 -1.61 -3.58
CA GLU B 162 9.18 -1.79 -2.49
C GLU B 162 8.76 -1.00 -1.26
N TRP B 163 8.35 0.25 -1.44
CA TRP B 163 7.97 1.09 -0.31
C TRP B 163 6.74 0.54 0.40
N LEU B 164 5.73 0.15 -0.37
CA LEU B 164 4.48 -0.31 0.23
C LEU B 164 4.69 -1.57 1.06
N LEU B 165 5.66 -2.41 0.70
CA LEU B 165 5.91 -3.62 1.47
C LEU B 165 6.74 -3.35 2.71
N SER B 166 7.69 -2.42 2.64
CA SER B 166 8.65 -2.20 3.71
C SER B 166 8.29 -1.04 4.64
N CYS B 167 7.85 0.09 4.09
CA CYS B 167 7.62 1.28 4.91
C CYS B 167 6.62 1.08 6.04
N PRO B 168 5.48 0.41 5.86
CA PRO B 168 4.62 0.17 7.03
C PRO B 168 5.29 -0.69 8.09
N VAL B 169 5.99 -1.75 7.67
CA VAL B 169 6.60 -2.68 8.63
C VAL B 169 7.65 -1.96 9.48
N ILE B 170 8.41 -1.04 8.87
CA ILE B 170 9.34 -0.21 9.64
C ILE B 170 8.60 0.57 10.71
N LEU B 171 7.49 1.21 10.34
CA LEU B 171 6.72 2.00 11.30
C LEU B 171 6.08 1.13 12.36
N ILE B 172 5.66 -0.09 11.99
CA ILE B 172 5.16 -1.03 12.99
C ILE B 172 6.25 -1.34 14.02
N LYS B 173 7.49 -1.50 13.55
CA LYS B 173 8.61 -1.65 14.48
C LYS B 173 8.80 -0.39 15.32
N LEU B 174 8.77 0.78 14.68
CA LEU B 174 8.97 2.04 15.41
C LEU B 174 7.89 2.25 16.46
N SER B 175 6.66 1.79 16.21
CA SER B 175 5.59 1.96 17.18
C SER B 175 5.86 1.19 18.47
N ASN B 176 6.73 0.19 18.43
CA ASN B 176 7.04 -0.64 19.58
C ASN B 176 8.57 -0.84 19.66
N LEU B 177 9.29 0.26 19.86
CA LEU B 177 10.74 0.18 19.93
C LEU B 177 11.21 -0.46 21.22
N SER B 178 10.41 -0.38 22.28
CA SER B 178 10.73 -1.02 23.55
C SER B 178 10.47 -2.52 23.45
N GLY B 179 10.51 -3.22 24.57
CA GLY B 179 10.30 -4.65 24.60
C GLY B 179 8.84 -5.02 24.77
N LEU B 180 8.62 -6.32 25.00
CA LEU B 180 7.30 -6.90 25.24
C LEU B 180 6.39 -6.76 24.03
N LYS B 181 5.14 -7.21 24.18
CA LYS B 181 4.14 -7.18 23.12
C LYS B 181 2.92 -6.39 23.59
N ASN B 182 1.94 -6.24 22.68
CA ASN B 182 0.72 -5.47 22.94
C ASN B 182 1.05 -4.02 23.29
N ASP B 183 1.82 -3.36 22.42
CA ASP B 183 2.32 -2.01 22.66
C ASP B 183 1.95 -1.04 21.54
N TYR B 184 1.17 -1.47 20.56
CA TYR B 184 0.94 -0.65 19.37
C TYR B 184 -0.06 0.46 19.62
N SER B 185 -1.33 0.13 19.78
CA SER B 185 -2.41 1.06 20.17
C SER B 185 -2.71 2.02 19.01
N LYS B 186 -2.94 3.29 19.29
CA LYS B 186 -3.54 4.13 18.25
C LYS B 186 -2.53 4.87 17.39
N ARG B 187 -1.32 5.16 17.89
CA ARG B 187 -0.32 5.82 17.05
C ARG B 187 0.05 4.96 15.86
N THR B 188 0.16 3.65 16.06
CA THR B 188 0.50 2.74 14.99
C THR B 188 -0.40 2.93 13.78
N MET B 189 -1.71 2.95 14.01
CA MET B 189 -2.66 3.06 12.90
C MET B 189 -2.49 4.40 12.17
N GLY B 190 -2.31 5.49 12.92
CA GLY B 190 -2.04 6.77 12.28
C GLY B 190 -0.76 6.76 11.46
N LEU B 191 0.26 6.03 11.95
CA LEU B 191 1.49 5.88 11.17
C LEU B 191 1.23 5.11 9.87
N ILE B 192 0.55 3.97 9.97
CA ILE B 192 0.37 3.12 8.79
C ILE B 192 -0.51 3.82 7.76
N VAL B 193 -1.65 4.35 8.19
CA VAL B 193 -2.59 4.97 7.25
C VAL B 193 -1.94 6.15 6.54
N SER B 194 -1.26 7.02 7.31
CA SER B 194 -0.62 8.19 6.71
C SER B 194 0.51 7.80 5.78
N CYS B 195 1.32 6.81 6.18
CA CYS B 195 2.39 6.33 5.31
C CYS B 195 1.85 5.77 4.01
N VAL B 196 0.81 4.95 4.09
CA VAL B 196 0.23 4.33 2.89
C VAL B 196 -0.33 5.40 1.96
N GLY B 197 -1.15 6.31 2.49
CA GLY B 197 -1.66 7.39 1.67
C GLY B 197 -0.55 8.23 1.04
N MET B 198 0.53 8.44 1.79
CA MET B 198 1.69 9.16 1.25
C MET B 198 2.23 8.47 0.01
N ILE B 199 2.45 7.15 0.08
CA ILE B 199 2.99 6.43 -1.07
C ILE B 199 1.98 6.41 -2.21
N VAL B 200 0.70 6.20 -1.89
CA VAL B 200 -0.33 6.10 -2.92
C VAL B 200 -0.37 7.38 -3.76
N PHE B 201 -0.41 8.53 -3.10
CA PHE B 201 -0.44 9.79 -3.85
C PHE B 201 0.91 10.09 -4.48
N GLY B 202 2.00 9.57 -3.90
CA GLY B 202 3.28 9.67 -4.58
C GLY B 202 3.33 8.84 -5.85
N MET B 203 2.79 7.62 -5.80
CA MET B 203 2.74 6.79 -6.98
C MET B 203 1.85 7.41 -8.06
N ALA B 204 0.70 7.95 -7.66
CA ALA B 204 -0.16 8.63 -8.62
C ALA B 204 0.56 9.83 -9.24
N ALA B 205 1.31 10.58 -8.43
CA ALA B 205 2.04 11.73 -8.95
C ALA B 205 3.03 11.32 -10.03
N GLY B 206 3.78 10.23 -9.79
CA GLY B 206 4.73 9.76 -10.77
C GLY B 206 4.07 9.31 -12.05
N LEU B 207 2.88 8.73 -11.96
CA LEU B 207 2.17 8.28 -13.15
C LEU B 207 1.64 9.46 -13.95
N ALA B 208 1.25 10.55 -13.28
CA ALA B 208 0.60 11.67 -13.93
C ALA B 208 1.63 12.58 -14.60
N THR B 209 1.11 13.58 -15.30
CA THR B 209 1.92 14.62 -15.92
C THR B 209 1.34 15.98 -15.59
N ASP B 210 2.13 17.02 -15.90
CA ASP B 210 1.69 18.43 -15.90
C ASP B 210 1.27 18.82 -14.48
N TRP B 211 0.25 19.67 -14.35
CA TRP B 211 -0.12 20.24 -13.05
C TRP B 211 -0.68 19.17 -12.11
N LEU B 212 -1.35 18.17 -12.66
CA LEU B 212 -1.89 17.09 -11.84
C LEU B 212 -0.78 16.41 -11.04
N LYS B 213 0.35 16.13 -11.70
CA LYS B 213 1.50 15.52 -11.03
C LYS B 213 1.88 16.27 -9.76
N TRP B 214 1.93 17.61 -9.83
CA TRP B 214 2.38 18.37 -8.67
C TRP B 214 1.26 18.58 -7.66
N LEU B 215 -0.01 18.58 -8.11
CA LEU B 215 -1.12 18.49 -7.17
C LEU B 215 -1.05 17.21 -6.36
N LEU B 216 -0.89 16.07 -7.04
CA LEU B 216 -0.77 14.81 -6.33
C LEU B 216 0.44 14.79 -5.42
N TYR B 217 1.53 15.41 -5.86
CA TYR B 217 2.74 15.49 -5.04
C TYR B 217 2.45 16.18 -3.71
N ILE B 218 1.79 17.33 -3.76
CA ILE B 218 1.49 18.08 -2.54
C ILE B 218 0.62 17.25 -1.59
N VAL B 219 -0.42 16.60 -2.12
CA VAL B 219 -1.27 15.75 -1.30
C VAL B 219 -0.44 14.67 -0.59
N SER B 220 0.54 14.11 -1.31
CA SER B 220 1.45 13.16 -0.68
C SER B 220 2.24 13.80 0.46
N CYS B 221 2.65 15.07 0.30
CA CYS B 221 3.41 15.73 1.34
C CYS B 221 2.57 15.98 2.58
N ILE B 222 1.28 16.27 2.40
CA ILE B 222 0.38 16.45 3.53
C ILE B 222 0.27 15.14 4.32
N TYR B 223 0.10 14.03 3.60
CA TYR B 223 0.12 12.72 4.23
C TYR B 223 1.46 12.47 4.93
N GLY B 224 2.56 12.81 4.26
CA GLY B 224 3.87 12.55 4.83
C GLY B 224 4.14 13.37 6.07
N GLY B 225 3.71 14.64 6.08
CA GLY B 225 3.95 15.49 7.23
C GLY B 225 3.26 14.98 8.48
N TYR B 226 2.02 14.51 8.35
CA TYR B 226 1.34 13.87 9.47
C TYR B 226 2.08 12.62 9.92
N MET B 227 2.60 11.84 8.96
CA MET B 227 3.39 10.67 9.31
C MET B 227 4.68 11.06 10.02
N TYR B 228 5.47 11.96 9.41
CA TYR B 228 6.69 12.44 10.05
C TYR B 228 6.42 12.94 11.46
N PHE B 229 5.30 13.65 11.65
CA PHE B 229 4.96 14.17 12.98
C PHE B 229 4.70 13.03 13.96
N GLN B 230 3.88 12.06 13.56
CA GLN B 230 3.64 10.89 14.41
C GLN B 230 4.94 10.15 14.71
N ALA B 231 5.81 10.01 13.71
CA ALA B 231 7.06 9.29 13.90
C ALA B 231 7.95 9.98 14.93
N ALA B 232 8.03 11.31 14.87
CA ALA B 232 8.92 12.04 15.77
C ALA B 232 8.48 11.88 17.22
N LYS B 233 7.17 11.80 17.46
CA LYS B 233 6.68 11.61 18.82
C LYS B 233 6.98 10.20 19.32
N CYS B 234 7.08 9.22 18.42
CA CYS B 234 7.48 7.88 18.82
C CYS B 234 8.92 7.85 19.34
N TYR B 235 9.83 8.56 18.66
CA TYR B 235 11.20 8.62 19.13
C TYR B 235 11.31 9.38 20.45
N VAL B 236 10.51 10.43 20.61
CA VAL B 236 10.51 11.18 21.88
C VAL B 236 10.05 10.26 23.00
N GLU B 237 9.00 9.47 22.76
CA GLU B 237 8.51 8.55 23.78
C GLU B 237 9.42 7.34 23.95
N ALA B 238 10.13 6.94 22.89
CA ALA B 238 11.09 5.85 23.02
C ALA B 238 12.26 6.25 23.89
N ASN B 239 12.68 7.51 23.82
CA ASN B 239 13.78 7.99 24.64
C ASN B 239 13.48 7.82 26.12
N HIS B 240 12.28 8.18 26.54
CA HIS B 240 11.89 8.13 27.95
C HIS B 240 11.39 6.76 28.39
N SER B 241 11.53 5.72 27.55
CA SER B 241 11.05 4.39 27.90
C SER B 241 12.10 3.31 27.71
N VAL B 242 13.37 3.67 27.55
CA VAL B 242 14.45 2.69 27.46
C VAL B 242 15.48 3.04 28.52
N PRO B 243 16.30 2.06 28.92
CA PRO B 243 17.32 2.33 29.95
C PRO B 243 18.14 3.58 29.63
N LYS B 244 18.43 4.36 30.67
CA LYS B 244 19.05 5.68 30.56
C LYS B 244 20.51 5.65 30.12
N GLY B 245 21.04 4.56 29.55
CA GLY B 245 22.43 4.56 29.14
C GLY B 245 22.65 4.38 27.66
N HIS B 246 23.05 3.17 27.27
CA HIS B 246 23.40 2.90 25.88
C HIS B 246 22.18 2.90 24.97
N CYS B 247 21.01 2.56 25.51
CA CYS B 247 19.83 2.40 24.67
C CYS B 247 19.31 3.73 24.13
N ARG B 248 19.43 4.80 24.92
CA ARG B 248 18.96 6.10 24.46
C ARG B 248 19.86 6.66 23.37
N MET B 249 21.15 6.34 23.40
CA MET B 249 22.03 6.73 22.31
C MET B 249 21.67 5.99 21.03
N VAL B 250 21.28 4.72 21.16
CA VAL B 250 20.83 3.95 20.00
C VAL B 250 19.53 4.52 19.44
N VAL B 251 18.59 4.86 20.33
CA VAL B 251 17.32 5.42 19.89
C VAL B 251 17.53 6.75 19.17
N LYS B 252 18.40 7.61 19.73
CA LYS B 252 18.67 8.88 19.07
C LYS B 252 19.34 8.68 17.72
N LEU B 253 20.21 7.66 17.61
CA LEU B 253 20.84 7.37 16.34
C LEU B 253 19.84 6.82 15.32
N MET B 254 18.92 5.98 15.78
CA MET B 254 17.84 5.52 14.91
C MET B 254 16.99 6.70 14.44
N ALA B 255 16.76 7.67 15.33
CA ALA B 255 15.95 8.82 14.95
C ALA B 255 16.63 9.66 13.88
N TYR B 256 17.94 9.87 14.01
CA TYR B 256 18.69 10.62 13.01
C TYR B 256 18.70 9.87 11.68
N ALA B 257 18.96 8.57 11.71
CA ALA B 257 19.00 7.78 10.48
C ALA B 257 17.63 7.75 9.81
N TYR B 258 16.56 7.64 10.59
CA TYR B 258 15.22 7.60 10.03
C TYR B 258 14.89 8.88 9.25
N PHE B 259 15.03 10.03 9.91
CA PHE B 259 14.63 11.28 9.27
C PHE B 259 15.55 11.66 8.13
N ALA B 260 16.85 11.44 8.30
CA ALA B 260 17.79 11.77 7.23
C ALA B 260 17.55 10.92 5.99
N SER B 261 17.19 9.66 6.20
CA SER B 261 16.91 8.79 5.05
C SER B 261 15.51 9.00 4.50
N TRP B 262 14.49 9.04 5.39
CA TRP B 262 13.13 9.19 4.91
C TRP B 262 12.88 10.58 4.33
N GLY B 263 13.56 11.60 4.87
CA GLY B 263 13.38 12.95 4.35
C GLY B 263 13.97 13.16 2.97
N SER B 264 14.86 12.26 2.53
CA SER B 264 15.56 12.43 1.27
C SER B 264 14.78 11.89 0.08
N TYR B 265 13.75 11.06 0.30
CA TYR B 265 12.99 10.54 -0.83
C TYR B 265 12.18 11.61 -1.55
N PRO B 266 11.44 12.49 -0.86
CA PRO B 266 10.74 13.56 -1.61
C PRO B 266 11.69 14.54 -2.28
N ILE B 267 12.91 14.72 -1.78
CA ILE B 267 13.87 15.56 -2.48
C ILE B 267 14.35 14.87 -3.75
N LEU B 268 14.75 13.60 -3.65
CA LEU B 268 15.14 12.84 -4.83
C LEU B 268 14.00 12.76 -5.85
N TRP B 269 12.76 12.61 -5.37
CA TRP B 269 11.62 12.48 -6.27
C TRP B 269 11.41 13.76 -7.07
N ALA B 270 11.33 14.91 -6.38
CA ALA B 270 11.06 16.16 -7.08
C ALA B 270 12.15 16.50 -8.08
N VAL B 271 13.36 16.00 -7.88
CA VAL B 271 14.49 16.38 -8.71
C VAL B 271 14.86 15.30 -9.74
N GLY B 272 14.35 14.09 -9.59
CA GLY B 272 14.71 13.00 -10.47
C GLY B 272 13.83 12.87 -11.70
N PRO B 273 13.85 11.68 -12.32
CA PRO B 273 13.16 11.50 -13.60
C PRO B 273 11.64 11.51 -13.52
N GLU B 274 11.06 11.44 -12.32
CA GLU B 274 9.63 11.63 -12.14
C GLU B 274 9.31 13.04 -11.65
N GLY B 275 10.29 13.95 -11.68
CA GLY B 275 10.09 15.32 -11.29
C GLY B 275 10.67 16.31 -12.28
N LEU B 276 11.62 17.14 -11.83
CA LEU B 276 12.18 18.19 -12.67
C LEU B 276 13.19 17.67 -13.70
N LEU B 277 13.50 16.37 -13.68
CA LEU B 277 14.34 15.71 -14.69
C LEU B 277 15.80 16.16 -14.60
N LYS B 278 16.29 16.46 -13.39
CA LYS B 278 17.70 16.78 -13.23
C LYS B 278 18.54 15.52 -13.11
N LEU B 279 18.16 14.61 -12.22
CA LEU B 279 18.86 13.36 -12.04
C LEU B 279 18.34 12.31 -13.02
N SER B 280 19.28 11.60 -13.66
CA SER B 280 18.96 10.51 -14.56
C SER B 280 18.46 9.31 -13.76
N PRO B 281 17.93 8.29 -14.43
CA PRO B 281 17.55 7.06 -13.71
C PRO B 281 18.70 6.43 -12.94
N TYR B 282 19.91 6.39 -13.54
CA TYR B 282 21.05 5.81 -12.84
C TYR B 282 21.46 6.67 -11.65
N ALA B 283 21.59 7.98 -11.87
CA ALA B 283 21.92 8.88 -10.78
C ALA B 283 20.90 8.78 -9.64
N ASN B 284 19.61 8.81 -9.99
CA ASN B 284 18.56 8.69 -8.98
C ASN B 284 18.61 7.33 -8.28
N SER B 285 19.12 6.30 -8.96
CA SER B 285 19.27 5.00 -8.33
C SER B 285 20.35 5.02 -7.26
N ILE B 286 21.45 5.74 -7.52
CA ILE B 286 22.52 5.86 -6.53
C ILE B 286 21.97 6.43 -5.23
N GLY B 287 21.21 7.53 -5.32
CA GLY B 287 20.70 8.16 -4.11
C GLY B 287 19.74 7.26 -3.35
N HIS B 288 18.89 6.52 -4.07
CA HIS B 288 17.91 5.65 -3.41
C HIS B 288 18.59 4.47 -2.72
N SER B 289 19.61 3.88 -3.35
CA SER B 289 20.35 2.79 -2.71
C SER B 289 20.98 3.26 -1.40
N ILE B 290 21.54 4.46 -1.38
CA ILE B 290 22.16 4.98 -0.15
C ILE B 290 21.10 5.20 0.91
N CYS B 291 19.93 5.74 0.53
CA CYS B 291 18.84 5.90 1.49
C CYS B 291 18.35 4.54 1.98
N ASP B 292 18.26 3.55 1.09
CA ASP B 292 17.78 2.24 1.51
C ASP B 292 18.74 1.59 2.49
N ILE B 293 20.04 1.70 2.24
CA ILE B 293 21.04 1.15 3.16
C ILE B 293 20.88 1.75 4.54
N ILE B 294 20.46 3.02 4.62
CA ILE B 294 20.26 3.67 5.90
C ILE B 294 18.89 3.34 6.48
N ALA B 295 17.84 3.43 5.66
CA ALA B 295 16.48 3.24 6.14
C ALA B 295 16.17 1.79 6.51
N LYR B 296 16.68 0.84 5.73
CA LYR B 296 16.27 -0.53 5.85
C LYR B 296 17.27 -1.45 6.49
O LYR B 296 16.88 -2.47 7.08
CB LYR B 296 15.96 -1.11 4.47
CG LYR B 296 14.66 -0.54 3.95
CD LYR B 296 14.65 -0.72 2.44
CE LYR B 296 13.23 -0.66 1.90
NZ LYR B 296 12.86 0.66 1.44
C1 LYR B 296 12.53 1.71 2.38
C2 LYR B 296 11.82 2.82 1.67
C3 LYR B 296 11.49 3.97 2.28
C4 LYR B 296 11.82 4.17 3.73
C5 LYR B 296 10.77 4.99 1.51
C6 LYR B 296 10.31 6.11 2.05
C7 LYR B 296 9.62 7.01 1.14
C80 LYR B 296 9.13 8.20 1.49
C8 LYR B 296 9.27 8.73 2.89
C9 LYR B 296 8.43 8.96 0.43
C10 LYR B 296 7.97 10.21 0.54
C11 LYR B 296 7.25 10.93 -0.56
C12 LYR B 296 6.74 12.12 -0.21
C13 LYR B 296 6.71 12.49 1.25
C14 LYR B 296 6.17 13.10 -1.20
C15 LYR B 296 6.65 12.76 -2.61
C16 LYR B 296 6.31 11.31 -2.89
C17 LYR B 296 7.11 10.38 -1.98
C18 LYR B 296 6.31 9.08 -2.00
C19 LYR B 296 8.48 10.18 -2.61
N GLU B 297 18.54 -1.12 6.40
CA GLU B 297 19.57 -2.05 6.85
C GLU B 297 20.25 -1.56 8.12
N PHE B 298 20.78 -0.34 8.06
CA PHE B 298 21.36 0.27 9.26
C PHE B 298 20.31 0.48 10.33
N TRP B 299 19.09 0.85 9.94
CA TRP B 299 18.05 1.15 10.92
C TRP B 299 17.49 -0.12 11.56
N THR B 300 17.28 -1.18 10.77
CA THR B 300 16.75 -2.41 11.34
C THR B 300 17.79 -3.13 12.18
N PHE B 301 19.08 -2.95 11.87
CA PHE B 301 20.12 -3.53 12.70
C PHE B 301 20.10 -2.91 14.10
N LEU B 302 19.93 -1.58 14.17
CA LEU B 302 19.82 -0.93 15.47
C LEU B 302 18.56 -1.35 16.19
N ALA B 303 17.44 -1.44 15.48
CA ALA B 303 16.21 -1.95 16.09
C ALA B 303 16.41 -3.37 16.61
N HIS B 304 17.10 -4.22 15.84
CA HIS B 304 17.42 -5.56 16.32
C HIS B 304 18.40 -5.49 17.49
N HIS B 305 19.38 -4.60 17.41
CA HIS B 305 20.34 -4.44 18.51
C HIS B 305 19.68 -3.90 19.76
N LEU B 306 18.77 -2.92 19.61
CA LEU B 306 18.10 -2.32 20.76
C LEU B 306 17.30 -3.37 21.52
N ARG B 307 16.54 -4.21 20.81
CA ARG B 307 15.74 -5.24 21.46
C ARG B 307 16.60 -6.21 22.26
N ILE B 308 17.81 -6.50 21.78
CA ILE B 308 18.73 -7.36 22.53
C ILE B 308 19.20 -6.63 23.79
N LYS B 309 19.57 -5.36 23.66
CA LYS B 309 20.14 -4.63 24.79
C LYS B 309 19.12 -4.42 25.89
N ILE B 310 17.85 -4.19 25.53
CA ILE B 310 16.81 -4.04 26.54
C ILE B 310 16.54 -5.39 27.22
N HIS B 311 16.53 -6.48 26.44
CA HIS B 311 16.34 -7.79 27.03
C HIS B 311 17.53 -8.19 27.90
N GLU B 312 18.74 -7.85 27.47
CA GLU B 312 19.92 -8.14 28.29
C GLU B 312 19.95 -7.27 29.54
N HIS B 313 19.41 -6.05 29.47
CA HIS B 313 19.38 -5.18 30.64
C HIS B 313 18.39 -5.71 31.68
N ILE B 314 17.18 -6.07 31.24
CA ILE B 314 16.17 -6.55 32.18
C ILE B 314 16.58 -7.89 32.79
N LEU B 315 17.34 -8.70 32.04
CA LEU B 315 17.75 -10.00 32.55
C LEU B 315 18.74 -9.90 33.69
N ILE B 316 19.37 -8.74 33.90
CA ILE B 316 20.33 -8.57 34.99
C ILE B 316 19.87 -7.48 35.95
N HIS B 317 19.11 -6.50 35.47
CA HIS B 317 18.66 -5.39 36.30
C HIS B 317 17.26 -5.59 36.86
N GLY B 318 16.50 -6.55 36.35
CA GLY B 318 15.12 -6.71 36.76
C GLY B 318 14.21 -5.66 36.15
N ASP B 319 12.93 -6.00 36.08
CA ASP B 319 11.92 -5.14 35.47
C ASP B 319 11.36 -4.21 36.53
N ILE B 320 11.84 -2.97 36.55
CA ILE B 320 11.29 -1.93 37.41
C ILE B 320 10.81 -0.79 36.52
N ARG B 321 9.69 -0.17 36.91
CA ARG B 321 9.09 0.86 36.08
C ARG B 321 8.36 1.87 36.95
N LYS B 322 8.04 3.01 36.34
CA LYS B 322 7.16 4.01 36.94
C LYS B 322 6.40 4.70 35.82
N THR B 323 5.08 4.80 35.98
CA THR B 323 4.25 5.49 34.99
C THR B 323 4.39 7.00 35.18
N THR B 324 4.69 7.70 34.09
CA THR B 324 4.86 9.15 34.12
C THR B 324 3.93 9.78 33.09
N LYS B 325 3.13 10.73 33.54
CA LYS B 325 2.20 11.46 32.67
C LYS B 325 2.99 12.56 31.96
N MET B 326 3.33 12.33 30.70
CA MET B 326 4.23 13.20 29.96
C MET B 326 3.48 14.04 28.94
N GLU B 327 4.11 15.14 28.55
CA GLU B 327 3.59 16.05 27.54
C GLU B 327 4.44 15.86 26.28
N ILE B 328 3.91 15.08 25.34
CA ILE B 328 4.57 14.83 24.05
C ILE B 328 3.72 15.50 22.98
N GLY B 329 4.25 16.57 22.38
CA GLY B 329 3.50 17.29 21.36
C GLY B 329 2.27 17.98 21.89
N GLY B 330 2.29 18.41 23.15
CA GLY B 330 1.17 19.14 23.73
C GLY B 330 -0.04 18.27 24.04
N GLU B 331 0.14 17.26 24.88
CA GLU B 331 -0.94 16.37 25.28
C GLU B 331 -0.43 15.48 26.41
N GLU B 332 -1.38 14.87 27.12
CA GLU B 332 -1.05 13.98 28.23
C GLU B 332 -0.79 12.58 27.68
N VAL B 333 0.48 12.17 27.68
CA VAL B 333 0.88 10.83 27.25
C VAL B 333 1.44 10.09 28.44
N GLU B 334 0.99 8.83 28.62
CA GLU B 334 1.49 7.98 29.70
C GLU B 334 2.67 7.19 29.18
N VAL B 335 3.87 7.55 29.63
CA VAL B 335 5.11 6.89 29.22
C VAL B 335 5.72 6.24 30.46
N GLU B 336 5.93 4.93 30.41
CA GLU B 336 6.54 4.20 31.51
C GLU B 336 8.06 4.20 31.35
N GLU B 337 8.75 4.57 32.42
CA GLU B 337 10.20 4.70 32.42
C GLU B 337 10.81 3.61 33.29
N PHE B 338 12.12 3.42 33.16
CA PHE B 338 12.82 2.42 33.96
C PHE B 338 13.35 3.03 35.25
C10 OLC C . -30.89 6.84 -3.44
C9 OLC C . -31.25 6.82 -4.72
C11 OLC C . -29.48 6.54 -2.96
C8 OLC C . -30.26 6.49 -5.84
C24 OLC C . -27.75 7.42 -19.02
C12 OLC C . -29.34 6.96 -1.50
C7 OLC C . -31.01 6.30 -7.16
C6 OLC C . -29.99 5.89 -8.24
C5 OLC C . -30.50 6.13 -9.66
C4 OLC C . -29.29 6.47 -10.54
C3 OLC C . -29.65 6.44 -12.03
C2 OLC C . -28.58 7.21 -12.84
C21 OLC C . -28.45 7.46 -16.62
C1 OLC C . -28.81 7.01 -14.33
C22 OLC C . -27.36 7.85 -17.61
O19 OLC C . -29.66 6.25 -14.69
O25 OLC C . -27.24 8.33 -19.96
O23 OLC C . -27.17 9.23 -17.59
O20 OLC C . -28.05 7.70 -15.29
C18 OLC D . 9.57 -12.57 -11.49
C10 OLC D . 7.93 -13.43 -2.45
C9 OLC D . 7.12 -13.86 -1.50
C17 OLC D . 9.65 -12.74 -9.97
C11 OLC D . 8.12 -14.24 -3.75
C8 OLC D . 6.32 -15.15 -1.66
C24 OLC D . 0.74 -13.96 9.94
C16 OLC D . 8.66 -11.78 -9.30
C12 OLC D . 7.86 -13.33 -4.95
C7 OLC D . 4.92 -14.98 -1.06
C15 OLC D . 8.70 -12.00 -7.78
C13 OLC D . 8.55 -13.91 -6.18
C6 OLC D . 5.01 -14.88 0.45
C14 OLC D . 7.96 -13.29 -7.45
C5 OLC D . 3.71 -14.30 1.02
C4 OLC D . 3.97 -13.76 2.42
C3 OLC D . 2.68 -13.84 3.25
C2 OLC D . 3.03 -14.06 4.73
C21 OLC D . 1.74 -13.43 7.72
C1 OLC D . 2.51 -12.89 5.57
C22 OLC D . 0.52 -14.01 8.44
O19 OLC D . 3.04 -11.83 5.50
O25 OLC D . 0.83 -15.27 10.44
O23 OLC D . -0.62 -13.27 8.10
O20 OLC D . 1.42 -13.06 6.41
C18 OLC E . -31.93 -4.02 -5.48
C10 OLC E . -26.13 0.27 1.02
C9 OLC E . -25.77 0.73 2.20
C17 OLC E . -31.56 -4.35 -4.03
C11 OLC E . -26.89 -1.04 0.85
C8 OLC E . -26.07 -0.03 3.49
C24 OLC E . -35.12 0.93 10.63
C16 OLC E . -31.22 -3.06 -3.28
C12 OLC E . -27.82 -0.92 -0.36
C7 OLC E . -27.04 0.77 4.36
C15 OLC E . -30.20 -3.33 -2.18
C13 OLC E . -28.44 -2.27 -0.73
C6 OLC E . -27.82 -0.20 5.25
C14 OLC E . -29.55 -2.02 -1.76
C5 OLC E . -28.71 0.56 6.23
C4 OLC E . -30.15 0.61 5.73
C3 OLC E . -31.04 1.19 6.81
C2 OLC E . -31.59 0.07 7.68
C21 OLC E . -32.66 1.06 11.10
C1 OLC E . -31.54 0.46 9.15
C22 OLC E . -34.06 1.47 11.59
O19 OLC E . -30.62 0.12 9.82
O25 OLC E . -36.09 1.91 10.40
O23 OLC E . -34.28 0.94 12.87
O20 OLC E . -32.57 1.22 9.72
C10 OLC F . -5.25 -24.31 -11.84
C9 OLC F . -6.38 -23.72 -12.13
C11 OLC F . -3.94 -23.87 -12.50
C8 OLC F . -6.45 -22.58 -13.15
C24 OLC F . -2.57 -15.23 -20.66
C7 OLC F . -7.47 -22.90 -14.23
C6 OLC F . -6.85 -22.62 -15.60
C5 OLC F . -6.94 -21.14 -15.94
C4 OLC F . -5.68 -20.66 -16.67
C3 OLC F . -5.91 -19.24 -17.18
C2 OLC F . -4.59 -18.49 -17.29
C21 OLC F . -4.10 -17.19 -20.82
C1 OLC F . -4.16 -18.32 -18.76
C22 OLC F . -3.92 -15.73 -21.20
O19 OLC F . -3.37 -19.07 -19.23
O25 OLC F . -2.78 -14.05 -19.93
O23 OLC F . -3.92 -15.59 -22.59
O20 OLC F . -4.68 -17.29 -19.55
C18 OLC G . -26.55 16.14 1.20
C10 OLC G . -26.04 13.44 -7.48
C9 OLC G . -26.52 12.49 -8.25
C17 OLC G . -25.36 16.37 0.27
C11 OLC G . -26.29 13.56 -5.97
C8 OLC G . -27.41 11.35 -7.73
C24 OLC G . -21.07 11.65 -16.13
C16 OLC G . -25.79 16.22 -1.19
C12 OLC G . -25.76 14.92 -5.50
C7 OLC G . -27.71 10.36 -8.86
C15 OLC G . -24.57 16.32 -2.10
C13 OLC G . -25.55 14.95 -3.98
C6 OLC G . -28.61 11.01 -9.93
C14 OLC G . -24.99 16.32 -3.57
C5 OLC G . -28.23 10.50 -11.33
C4 OLC G . -27.07 11.33 -11.88
C3 OLC G . -26.99 11.21 -13.40
C2 OLC G . -25.79 12.03 -13.90
C21 OLC G . -23.41 11.08 -15.50
C1 OLC G . -25.61 11.91 -15.42
C22 OLC G . -22.52 11.66 -16.60
O19 OLC G . -26.20 12.64 -16.14
O25 OLC G . -20.35 12.64 -16.81
O23 OLC G . -22.64 10.90 -17.77
O20 OLC G . -24.73 10.97 -15.96
C18 OLC H . 8.75 -10.22 -0.64
C10 OLC H . 9.09 -14.61 6.93
C9 OLC H . 8.89 -14.12 8.14
C17 OLC H . 8.68 -10.42 0.86
C11 OLC H . 8.48 -13.93 5.72
C8 OLC H . 8.06 -12.86 8.33
C16 OLC H . 8.84 -11.91 1.18
C12 OLC H . 9.59 -13.57 4.74
C7 OLC H . 6.63 -13.22 8.70
C15 OLC H . 8.28 -12.18 2.58
C13 OLC H . 9.35 -14.26 3.40
C6 OLC H . 5.74 -11.99 8.54
C14 OLC H . 8.09 -13.69 2.75
C5 OLC H . 4.62 -12.04 9.59
C4 OLC H . 3.69 -10.85 9.41
C3 OLC H . 2.66 -10.84 10.53
C2 OLC H . 3.38 -10.71 11.87
C1 OLC H . 2.46 -11.19 13.00
O19 OLC H . 2.59 -10.74 14.09
O20 OLC H . 1.50 -12.17 12.75
C8 OLC I . -21.56 -19.68 -0.59
C24 OLC I . -18.60 -17.29 9.42
C7 OLC I . -21.71 -18.21 -0.24
C6 OLC I . -20.33 -17.58 -0.08
C5 OLC I . -20.44 -16.39 0.89
C4 OLC I . -19.11 -16.25 1.66
C3 OLC I . -19.00 -17.36 2.70
C2 OLC I . -19.29 -16.77 4.08
C21 OLC I . -18.24 -18.36 7.19
C1 OLC I . -19.28 -17.87 5.15
C22 OLC I . -17.58 -17.58 8.33
O19 OLC I . -19.41 -19.00 4.84
O25 OLC I . -17.93 -16.82 10.56
O23 OLC I . -16.51 -18.33 8.85
O20 OLC I . -19.11 -17.52 6.50
C18 OLC J . 27.76 -7.63 4.28
C10 OLC J . 32.66 -4.44 -3.01
C9 OLC J . 32.29 -3.47 -3.81
C17 OLC J . 28.67 -6.50 3.84
C11 OLC J . 31.66 -5.22 -2.14
C8 OLC J . 30.84 -3.02 -3.96
C24 OLC J . 30.17 -3.88 -16.40
C16 OLC J . 29.23 -6.84 2.46
C12 OLC J . 31.76 -4.71 -0.70
C7 OLC J . 30.25 -3.46 -5.31
C15 OLC J . 29.18 -5.58 1.59
C13 OLC J . 31.28 -5.77 0.28
C6 OLC J . 31.32 -3.97 -6.27
C14 OLC J . 29.76 -5.88 0.21
C5 OLC J . 31.46 -3.00 -7.44
C4 OLC J . 31.39 -3.77 -8.77
C3 OLC J . 30.13 -3.35 -9.52
C2 OLC J . 30.05 -4.10 -10.86
C21 OLC J . 30.21 -2.64 -14.24
C1 OLC J . 30.54 -3.19 -11.99
C22 OLC J . 30.94 -2.87 -15.56
O19 OLC J . 30.91 -2.09 -11.75
O25 OLC J . 30.61 -3.81 -17.74
O23 OLC J . 31.02 -1.65 -16.25
O20 OLC J . 30.54 -3.64 -13.32
C18 OLC K . 22.70 -19.94 7.14
C10 OLC K . 24.94 -16.41 -0.78
C9 OLC K . 24.95 -15.78 -1.94
C17 OLC K . 22.86 -19.49 5.69
C11 OLC K . 25.57 -15.81 0.48
C8 OLC K . 25.60 -14.40 -2.11
C24 OLC K . 29.59 -7.77 -11.02
C16 OLC K . 24.13 -18.65 5.55
C12 OLC K . 25.55 -16.87 1.58
C7 OLC K . 26.43 -14.41 -3.38
C15 OLC K . 24.22 -18.00 4.18
C13 OLC K . 25.49 -16.21 2.95
C6 OLC K . 26.16 -13.15 -4.20
C14 OLC K . 25.56 -17.27 4.05
C5 OLC K . 27.17 -12.06 -3.86
C4 OLC K . 26.90 -10.84 -4.74
C3 OLC K . 28.12 -9.92 -4.79
C2 OLC K . 28.36 -9.51 -6.24
C21 OLC K . 29.90 -7.82 -8.53
C1 OLC K . 29.36 -8.36 -6.31
C22 OLC K . 28.87 -7.82 -9.68
O19 OLC K . 30.23 -8.27 -5.50
O25 OLC K . 28.69 -8.10 -12.05
O23 OLC K . 28.09 -8.98 -9.60
O20 OLC K . 29.27 -7.42 -7.35
C10 OLC L . 31.56 -0.23 2.46
C9 OLC L . 32.21 0.41 1.50
C11 OLC L . 30.42 -1.21 2.16
C8 OLC L . 31.89 0.21 0.02
C24 OLC L . 37.13 2.96 -11.38
C12 OLC L . 30.28 -2.20 3.30
C7 OLC L . 32.66 1.24 -0.80
C13 OLC L . 30.06 -1.47 4.62
C6 OLC L . 32.93 0.71 -2.20
C5 OLC L . 33.65 1.78 -3.03
C4 OLC L . 34.11 1.19 -4.38
C3 OLC L . 34.40 2.34 -5.34
C2 OLC L . 35.35 1.86 -6.46
C21 OLC L . 35.54 1.89 -9.78
C1 OLC L . 34.55 1.41 -7.68
C22 OLC L . 35.75 3.07 -10.73
O19 OLC L . 33.93 0.40 -7.63
O25 OLC L . 37.23 3.89 -12.43
O23 OLC L . 34.77 3.08 -11.73
O20 OLC L . 34.54 2.20 -8.85
C10 OLC M . -4.87 9.53 -8.25
C9 OLC M . -5.16 9.66 -9.53
C11 OLC M . -5.54 10.37 -7.16
C8 OLC M . -6.21 10.65 -10.04
C16 OLC M . -9.22 6.92 -4.26
C12 OLC M . -6.60 9.55 -6.42
C7 OLC M . -6.50 10.30 -11.50
C15 OLC M . -8.20 7.12 -5.38
C13 OLC M . -6.02 8.24 -5.91
C6 OLC M . -7.71 11.06 -12.03
C14 OLC M . -6.91 7.69 -4.79
C5 OLC M . -7.30 12.50 -12.35
C4 OLC M . -7.71 12.85 -13.79
C3 OLC M . -6.97 11.93 -14.76
C10 OLC N . 2.52 20.77 4.65
C9 OLC N . 2.09 20.38 5.84
C11 OLC N . 2.46 19.87 3.41
C8 OLC N . 1.52 18.98 6.09
C24 OLC N . -3.44 14.81 16.32
C16 OLC N . 5.79 21.41 -1.67
C12 OLC N . 2.60 20.71 2.14
C7 OLC N . 0.69 18.97 7.38
C15 OLC N . 5.62 20.95 -0.23
C13 OLC N . 4.08 20.77 1.72
C6 OLC N . 1.58 18.70 8.60
C14 OLC N . 4.21 21.26 0.28
C5 OLC N . 0.81 17.87 9.64
C4 OLC N . 1.01 18.43 11.04
C3 OLC N . 0.41 17.47 12.08
C2 OLC N . -0.56 18.19 13.02
C21 OLC N . -3.18 16.96 15.06
C1 OLC N . -1.10 17.20 14.04
C22 OLC N . -3.52 16.33 16.42
O19 OLC N . -0.82 16.06 13.94
O25 OLC N . -4.55 14.33 15.60
O23 OLC N . -2.61 16.78 17.39
O20 OLC N . -1.94 17.60 15.09
C18 OLC O . -9.33 10.47 0.69
C10 OLC O . -10.98 11.95 9.20
C9 OLC O . -10.73 10.91 9.97
C17 OLC O . -8.77 10.59 2.09
C11 OLC O . -10.19 12.22 7.92
C8 OLC O . -9.64 9.92 9.60
C16 OLC O . -9.66 11.50 2.95
C12 OLC O . -10.86 11.54 6.73
C7 OLC O . -8.36 10.20 10.40
C15 OLC O . -9.03 11.65 4.33
C13 OLC O . -10.98 12.54 5.59
C6 OLC O . -7.26 9.26 9.92
C14 OLC O . -9.59 12.87 5.03
C5 OLC O . -6.10 9.26 10.91
C4 OLC O . -6.06 7.93 11.64
C3 OLC O . -5.59 8.15 13.07
C2 OLC O . -5.71 6.83 13.85
C1 OLC O . -5.48 7.08 15.33
O19 OLC O . -5.56 6.17 16.09
O20 OLC O . -5.17 8.35 15.80
C18 OLC P . -4.05 10.84 8.32
C10 OLC P . -6.81 13.88 1.01
C9 OLC P . -7.31 13.64 -0.18
C17 OLC P . -3.59 12.01 7.45
C11 OLC P . -6.01 15.15 1.26
C8 OLC P . -7.10 14.64 -1.32
C16 OLC P . -4.80 12.65 6.76
C12 OLC P . -5.89 15.42 2.76
C7 OLC P . -7.57 14.05 -2.65
C15 OLC P . -4.31 13.60 5.67
C13 OLC P . -4.90 14.45 3.40
C6 OLC P . -7.50 15.11 -3.76
C14 OLC P . -5.46 13.92 4.71
C5 OLC P . -6.73 14.55 -4.95
C4 OLC P . -7.58 14.66 -6.21
C3 OLC P . -6.68 14.71 -7.44
C2 OLC P . -7.50 14.54 -8.72
C1 OLC P . -8.00 15.89 -9.22
O19 OLC P . -8.20 16.78 -8.46
O20 OLC P . -8.23 16.10 -10.59
C8 OLC Q . 20.10 15.50 7.07
C24 OLC Q . 15.68 13.05 18.73
C7 OLC Q . 19.13 15.65 8.25
C6 OLC Q . 19.73 14.98 9.48
C5 OLC Q . 19.14 15.57 10.76
C4 OLC Q . 17.63 15.31 10.80
C3 OLC Q . 17.08 15.71 12.17
C2 OLC Q . 17.15 14.50 13.12
C21 OLC Q . 15.61 14.32 16.56
C1 OLC Q . 16.64 14.87 14.50
C22 OLC Q . 15.04 13.12 17.34
O19 OLC Q . 16.68 15.99 14.88
O25 OLC Q . 14.89 12.26 19.57
O23 OLC Q . 13.66 13.26 17.47
O20 OLC Q . 16.14 13.87 15.35
C10 OLC R . 6.80 -6.32 -9.80
C9 OLC R . 7.31 -6.51 -10.99
C11 OLC R . 7.16 -7.21 -8.61
C8 OLC R . 8.31 -7.64 -11.26
C16 OLC R . 9.57 -5.22 -3.80
C12 OLC R . 6.45 -6.70 -7.36
C7 OLC R . 9.56 -7.06 -11.90
C15 OLC R . 9.25 -5.97 -5.10
C13 OLC R . 7.27 -7.08 -6.13
C6 OLC R . 10.20 -8.10 -12.83
C14 OLC R . 7.77 -5.81 -5.43
C5 OLC R . 10.01 -7.67 -14.28
C4 OLC R . 10.33 -8.85 -15.20
C3 OLC R . 10.10 -8.45 -16.65
C10 OLC S . 27.30 3.90 1.32
C9 OLC S . 27.93 3.68 0.18
C11 OLC S . 27.15 5.30 1.93
C8 OLC S . 28.57 4.78 -0.65
C24 OLC S . 34.06 6.63 -12.98
C12 OLC S . 26.12 5.24 3.07
C7 OLC S . 29.59 4.17 -1.62
C13 OLC S . 26.57 6.10 4.24
C6 OLC S . 29.45 4.82 -3.01
C14 OLC S . 26.00 7.51 4.11
C5 OLC S . 30.67 4.57 -3.90
C4 OLC S . 30.29 4.87 -5.35
C3 OLC S . 31.53 5.07 -6.24
C2 OLC S . 31.11 5.09 -7.70
C21 OLC S . 33.23 5.95 -10.71
C1 OLC S . 32.23 5.61 -8.60
C22 OLC S . 32.85 6.56 -12.06
O19 OLC S . 33.23 6.03 -8.12
O25 OLC S . 33.66 6.54 -14.31
O23 OLC S . 31.87 5.76 -12.66
O20 OLC S . 32.08 5.61 -9.99
C10 OLC T . 21.05 10.26 0.93
C9 OLC T . 21.05 10.32 -0.39
C11 OLC T . 21.75 11.37 1.72
C8 OLC T . 21.74 11.48 -1.08
C12 OLC T . 22.08 10.85 3.12
C7 OLC T . 22.91 10.97 -1.92
C13 OLC T . 20.89 10.07 3.66
C6 OLC T . 22.51 11.09 -3.38
C14 OLC T . 20.92 10.13 5.18
C5 OLC T . 23.68 10.80 -4.31
C4 OLC T . 23.17 10.93 -5.74
C3 OLC T . 24.31 10.73 -6.74
C2 OLC T . 24.03 11.62 -7.96
C1 OLC T . 25.13 11.41 -9.00
O19 OLC T . 25.75 10.39 -9.00
O20 OLC T . 25.40 12.41 -9.94
C10 OLC U . 28.35 8.66 -2.30
C9 OLC U . 28.34 8.02 -3.46
C11 OLC U . 27.81 10.08 -2.21
C8 OLC U . 27.78 8.71 -4.70
C12 OLC U . 27.67 10.47 -0.74
C7 OLC U . 28.90 8.84 -5.73
C6 OLC U . 28.53 8.05 -6.98
C5 OLC U . 29.53 8.36 -8.09
C4 OLC U . 28.85 9.25 -9.12
C3 OLC U . 29.20 8.75 -10.52
C2 OLC U . 28.56 9.70 -11.54
C1 OLC U . 29.52 9.90 -12.71
O19 OLC U . 30.59 9.39 -12.69
O20 OLC U . 29.12 10.69 -13.81
#